data_2KOE
#
_entry.id   2KOE
#
_entity_poly.entity_id   1
_entity_poly.type   'polypeptide(L)'
_entity_poly.pdbx_seq_one_letter_code
;TVFAFASMLCLLNSTVNPIIYALRSKDLRHAFRSMFPSAE
;
_entity_poly.pdbx_strand_id   A
#
# COMPACT_ATOMS: atom_id res chain seq x y z
N THR A 1 -4.78 -15.09 5.40
CA THR A 1 -3.63 -15.20 4.46
C THR A 1 -2.48 -14.32 4.94
N VAL A 2 -1.99 -14.55 6.13
CA VAL A 2 -0.86 -13.74 6.65
C VAL A 2 0.26 -13.73 5.62
N PHE A 3 0.39 -14.78 4.85
CA PHE A 3 1.44 -14.80 3.79
C PHE A 3 1.18 -13.65 2.82
N ALA A 4 -0.05 -13.39 2.51
CA ALA A 4 -0.38 -12.23 1.63
C ALA A 4 0.07 -10.97 2.34
N PHE A 5 -0.14 -10.90 3.62
CA PHE A 5 0.35 -9.74 4.41
C PHE A 5 1.88 -9.69 4.34
N ALA A 6 2.54 -10.71 4.83
CA ALA A 6 4.03 -10.74 4.77
C ALA A 6 4.49 -10.40 3.35
N SER A 7 3.80 -10.91 2.36
CA SER A 7 4.21 -10.62 0.95
C SER A 7 3.97 -9.15 0.64
N MET A 8 2.74 -8.71 0.73
CA MET A 8 2.43 -7.28 0.45
C MET A 8 3.38 -6.42 1.27
N LEU A 9 3.60 -6.80 2.50
CA LEU A 9 4.52 -6.03 3.36
C LEU A 9 5.92 -6.09 2.77
N CYS A 10 6.48 -7.26 2.65
CA CYS A 10 7.84 -7.39 2.05
C CYS A 10 7.88 -6.60 0.73
N LEU A 11 6.79 -6.58 0.02
CA LEU A 11 6.78 -5.86 -1.28
C LEU A 11 6.29 -4.42 -1.07
N LEU A 12 5.02 -4.21 -0.98
CA LEU A 12 4.46 -2.83 -0.84
C LEU A 12 5.17 -2.09 0.29
N ASN A 13 5.62 -2.77 1.30
CA ASN A 13 6.28 -2.05 2.42
C ASN A 13 7.74 -1.82 2.06
N SER A 14 8.47 -2.88 1.87
CA SER A 14 9.93 -2.73 1.63
C SER A 14 10.18 -1.87 0.39
N THR A 15 9.32 -1.93 -0.59
CA THR A 15 9.61 -1.22 -1.87
C THR A 15 9.03 0.21 -1.81
N VAL A 16 8.10 0.46 -0.95
CA VAL A 16 7.59 1.86 -0.81
C VAL A 16 6.81 2.01 0.49
N ASN A 17 7.44 2.48 1.53
CA ASN A 17 6.67 2.73 2.78
C ASN A 17 7.54 3.42 3.82
N PRO A 18 8.71 2.92 4.08
CA PRO A 18 9.64 3.53 5.06
C PRO A 18 10.09 4.91 4.58
N ILE A 19 9.32 5.50 3.71
CA ILE A 19 9.67 6.83 3.17
C ILE A 19 8.59 7.82 3.58
N ILE A 20 7.40 7.63 3.06
CA ILE A 20 6.27 8.55 3.40
C ILE A 20 5.08 7.72 3.86
N TYR A 21 4.50 6.95 2.97
CA TYR A 21 3.26 6.20 3.31
C TYR A 21 3.43 5.42 4.62
N ALA A 22 4.64 4.97 4.92
CA ALA A 22 4.89 4.21 6.20
C ALA A 22 4.00 2.96 6.25
N LEU A 23 2.71 3.14 6.40
CA LEU A 23 1.76 2.00 6.42
C LEU A 23 0.39 2.55 6.73
N ARG A 24 0.34 3.62 7.49
CA ARG A 24 -0.94 4.34 7.63
C ARG A 24 -1.23 5.00 6.30
N SER A 25 -2.46 5.25 6.00
CA SER A 25 -2.84 5.89 4.70
C SER A 25 -2.36 5.04 3.51
N LYS A 26 -1.37 4.19 3.68
CA LYS A 26 -0.96 3.29 2.56
C LYS A 26 -2.22 2.70 1.95
N ASP A 27 -3.07 2.22 2.80
CA ASP A 27 -4.38 1.64 2.37
C ASP A 27 -4.97 2.48 1.23
N LEU A 28 -5.00 3.77 1.41
CA LEU A 28 -5.53 4.66 0.35
C LEU A 28 -4.46 4.89 -0.70
N ARG A 29 -3.24 5.12 -0.28
CA ARG A 29 -2.13 5.39 -1.25
C ARG A 29 -2.24 4.47 -2.48
N HIS A 30 -2.06 3.19 -2.30
CA HIS A 30 -2.05 2.29 -3.49
C HIS A 30 -3.45 2.14 -4.02
N ALA A 31 -4.41 1.89 -3.18
CA ALA A 31 -5.81 1.81 -3.67
C ALA A 31 -6.07 3.01 -4.56
N PHE A 32 -5.70 4.16 -4.11
CA PHE A 32 -5.79 5.35 -4.98
C PHE A 32 -5.17 5.02 -6.33
N ARG A 33 -3.96 4.53 -6.33
CA ARG A 33 -3.30 4.11 -7.60
C ARG A 33 -3.81 2.75 -8.03
N SER A 34 -4.99 2.38 -7.61
CA SER A 34 -5.47 1.02 -7.91
C SER A 34 -6.98 0.91 -7.62
N MET A 35 -7.65 2.00 -7.37
CA MET A 35 -9.07 1.94 -6.92
C MET A 35 -9.74 3.30 -7.14
N PHE A 36 -9.16 4.35 -6.58
CA PHE A 36 -9.88 5.65 -6.54
C PHE A 36 -10.50 5.97 -7.90
N PRO A 37 -11.81 6.09 -7.93
CA PRO A 37 -12.55 6.42 -9.17
C PRO A 37 -12.56 7.92 -9.42
N SER A 38 -12.45 8.68 -8.37
CA SER A 38 -12.46 10.16 -8.53
C SER A 38 -13.82 10.59 -9.09
N ALA A 39 -14.84 9.81 -8.85
CA ALA A 39 -16.19 10.18 -9.33
C ALA A 39 -16.67 11.44 -8.61
N GLU A 40 -16.55 11.46 -7.31
CA GLU A 40 -16.98 12.65 -6.53
C GLU A 40 -15.81 13.13 -5.68
N THR A 1 -3.48 -17.66 3.81
CA THR A 1 -2.42 -17.23 2.87
C THR A 1 -1.71 -15.98 3.42
N VAL A 2 -1.78 -15.77 4.70
CA VAL A 2 -1.12 -14.58 5.29
C VAL A 2 0.34 -14.51 4.83
N PHE A 3 0.97 -15.64 4.63
CA PHE A 3 2.39 -15.62 4.18
C PHE A 3 2.49 -14.76 2.91
N ALA A 4 1.58 -14.93 1.99
CA ALA A 4 1.57 -14.06 0.79
C ALA A 4 1.43 -12.60 1.25
N PHE A 5 0.61 -12.38 2.23
CA PHE A 5 0.46 -11.00 2.80
C PHE A 5 1.78 -10.59 3.45
N ALA A 6 2.15 -11.25 4.52
CA ALA A 6 3.45 -10.93 5.20
C ALA A 6 4.53 -10.66 4.16
N SER A 7 4.51 -11.37 3.08
CA SER A 7 5.53 -11.16 2.01
C SER A 7 5.36 -9.76 1.43
N MET A 8 4.22 -9.48 0.87
CA MET A 8 3.96 -8.11 0.35
C MET A 8 4.14 -7.11 1.48
N LEU A 9 3.68 -7.47 2.65
CA LEU A 9 3.84 -6.58 3.83
C LEU A 9 5.32 -6.21 3.97
N CYS A 10 6.18 -7.18 4.07
CA CYS A 10 7.63 -6.87 4.19
C CYS A 10 8.07 -6.05 2.99
N LEU A 11 7.75 -6.48 1.81
CA LEU A 11 8.16 -5.74 0.58
C LEU A 11 7.54 -4.35 0.60
N LEU A 12 6.25 -4.26 0.45
CA LEU A 12 5.56 -2.95 0.40
C LEU A 12 5.94 -2.11 1.62
N ASN A 13 6.08 -2.73 2.76
CA ASN A 13 6.42 -1.94 3.99
C ASN A 13 7.88 -1.50 3.91
N SER A 14 8.74 -2.38 3.51
CA SER A 14 10.19 -2.02 3.46
C SER A 14 10.45 -1.14 2.25
N THR A 15 9.46 -0.92 1.42
CA THR A 15 9.67 -0.10 0.21
C THR A 15 8.80 1.16 0.29
N VAL A 16 7.61 1.06 -0.19
CA VAL A 16 6.71 2.24 -0.24
C VAL A 16 5.77 2.21 0.94
N ASN A 17 6.21 2.67 2.07
CA ASN A 17 5.32 2.63 3.25
C ASN A 17 5.75 3.64 4.29
N PRO A 18 6.99 3.64 4.68
CA PRO A 18 7.50 4.58 5.70
C PRO A 18 7.44 6.01 5.18
N ILE A 19 6.40 6.33 4.47
CA ILE A 19 6.29 7.68 3.88
C ILE A 19 4.91 8.27 4.22
N ILE A 20 3.88 7.81 3.56
CA ILE A 20 2.52 8.33 3.84
C ILE A 20 1.62 7.16 4.23
N TYR A 21 1.37 6.26 3.32
CA TYR A 21 0.54 5.08 3.65
C TYR A 21 1.33 4.15 4.58
N ALA A 22 1.87 4.70 5.64
CA ALA A 22 2.70 3.91 6.61
C ALA A 22 2.34 2.43 6.55
N LEU A 23 1.12 2.08 6.88
CA LEU A 23 0.72 0.65 6.86
C LEU A 23 -0.80 0.57 6.75
N ARG A 24 -1.49 0.87 7.81
CA ARG A 24 -2.97 0.83 7.76
C ARG A 24 -3.45 1.73 6.63
N SER A 25 -2.82 2.85 6.45
CA SER A 25 -3.25 3.79 5.39
C SER A 25 -2.88 3.23 4.02
N LYS A 26 -2.15 2.15 3.95
CA LYS A 26 -1.83 1.57 2.61
C LYS A 26 -3.10 1.44 1.82
N ASP A 27 -4.20 1.26 2.50
CA ASP A 27 -5.48 1.17 1.77
C ASP A 27 -5.65 2.42 0.91
N LEU A 28 -5.22 3.54 1.41
CA LEU A 28 -5.29 4.80 0.60
C LEU A 28 -4.21 4.76 -0.49
N ARG A 29 -3.35 3.79 -0.46
CA ARG A 29 -2.27 3.74 -1.50
C ARG A 29 -2.80 3.00 -2.71
N HIS A 30 -3.17 1.76 -2.56
CA HIS A 30 -3.67 0.99 -3.72
C HIS A 30 -5.07 1.48 -4.07
N ALA A 31 -5.98 1.48 -3.12
CA ALA A 31 -7.36 1.99 -3.41
C ALA A 31 -7.22 3.32 -4.16
N PHE A 32 -6.26 4.10 -3.79
CA PHE A 32 -5.97 5.32 -4.57
C PHE A 32 -5.46 4.90 -5.95
N ARG A 33 -4.33 4.28 -5.98
CA ARG A 33 -3.75 3.80 -7.28
C ARG A 33 -4.51 2.56 -7.76
N SER A 34 -5.80 2.66 -7.83
CA SER A 34 -6.64 1.52 -8.32
C SER A 34 -8.11 1.94 -8.26
N MET A 35 -8.44 2.79 -7.33
CA MET A 35 -9.86 3.18 -7.12
C MET A 35 -9.98 4.70 -7.07
N PHE A 36 -9.30 5.32 -6.14
CA PHE A 36 -9.43 6.80 -6.00
C PHE A 36 -8.52 7.48 -7.01
N PRO A 37 -9.07 8.21 -7.92
CA PRO A 37 -8.29 8.95 -8.95
C PRO A 37 -7.89 10.33 -8.46
N SER A 38 -8.77 10.97 -7.73
CA SER A 38 -8.49 12.35 -7.27
C SER A 38 -8.16 13.20 -8.50
N ALA A 39 -8.80 12.89 -9.59
CA ALA A 39 -8.53 13.64 -10.85
C ALA A 39 -8.95 15.10 -10.68
N GLU A 40 -9.91 15.33 -9.81
CA GLU A 40 -10.37 16.73 -9.56
C GLU A 40 -9.90 17.17 -8.18
N THR A 1 -0.98 -18.50 4.40
CA THR A 1 0.47 -18.54 4.13
C THR A 1 1.13 -17.27 4.70
N VAL A 2 1.27 -17.20 6.00
CA VAL A 2 1.89 -15.99 6.63
C VAL A 2 3.10 -15.54 5.82
N PHE A 3 3.89 -16.48 5.37
CA PHE A 3 5.11 -16.11 4.57
C PHE A 3 4.72 -15.14 3.46
N ALA A 4 3.63 -15.39 2.79
CA ALA A 4 3.18 -14.46 1.72
C ALA A 4 2.89 -13.11 2.34
N PHE A 5 2.20 -13.10 3.46
CA PHE A 5 1.91 -11.82 4.15
C PHE A 5 3.22 -11.16 4.56
N ALA A 6 3.99 -11.83 5.39
CA ALA A 6 5.30 -11.26 5.81
C ALA A 6 6.06 -10.75 4.59
N SER A 7 6.00 -11.47 3.50
CA SER A 7 6.71 -11.03 2.27
C SER A 7 6.13 -9.69 1.78
N MET A 8 4.87 -9.68 1.44
CA MET A 8 4.24 -8.42 0.97
C MET A 8 4.44 -7.36 2.05
N LEU A 9 4.34 -7.75 3.28
CA LEU A 9 4.54 -6.80 4.40
C LEU A 9 5.92 -6.14 4.24
N CYS A 10 6.96 -6.92 4.30
CA CYS A 10 8.34 -6.36 4.16
C CYS A 10 8.47 -5.63 2.83
N LEU A 11 8.13 -6.28 1.75
CA LEU A 11 8.27 -5.65 0.41
C LEU A 11 7.52 -4.32 0.38
N LEU A 12 6.27 -4.32 0.74
CA LEU A 12 5.49 -3.07 0.74
C LEU A 12 6.11 -2.09 1.71
N ASN A 13 6.29 -2.52 2.93
CA ASN A 13 6.86 -1.62 3.96
C ASN A 13 8.18 -1.06 3.47
N SER A 14 8.86 -1.79 2.65
CA SER A 14 10.20 -1.34 2.25
C SER A 14 10.11 -0.30 1.12
N THR A 15 8.93 0.00 0.68
CA THR A 15 8.80 1.05 -0.38
C THR A 15 7.53 1.87 -0.15
N VAL A 16 6.42 1.37 -0.57
CA VAL A 16 5.16 2.16 -0.51
C VAL A 16 4.55 2.06 0.89
N ASN A 17 5.17 2.67 1.87
CA ASN A 17 4.55 2.64 3.22
C ASN A 17 5.08 3.78 4.09
N PRO A 18 6.37 3.96 4.16
CA PRO A 18 6.97 5.03 5.01
C PRO A 18 6.40 6.40 4.64
N ILE A 19 5.58 6.45 3.63
CA ILE A 19 5.00 7.74 3.20
C ILE A 19 3.84 8.11 4.12
N ILE A 20 2.68 7.57 3.86
CA ILE A 20 1.52 7.82 4.77
C ILE A 20 0.60 6.62 4.71
N TYR A 21 0.48 6.03 3.55
CA TYR A 21 -0.31 4.76 3.46
C TYR A 21 0.46 3.65 4.20
N ALA A 22 1.13 3.98 5.27
CA ALA A 22 1.90 2.96 6.04
C ALA A 22 0.95 1.84 6.50
N LEU A 23 0.55 0.98 5.59
CA LEU A 23 -0.32 -0.18 5.94
C LEU A 23 -1.73 0.29 6.34
N ARG A 24 -1.81 1.18 7.29
CA ARG A 24 -3.16 1.59 7.79
C ARG A 24 -3.94 2.28 6.68
N SER A 25 -3.29 3.10 5.90
CA SER A 25 -4.00 3.82 4.82
C SER A 25 -3.53 3.26 3.47
N LYS A 26 -2.78 2.19 3.50
CA LYS A 26 -2.27 1.59 2.24
C LYS A 26 -3.44 1.36 1.30
N ASP A 27 -4.57 0.99 1.84
CA ASP A 27 -5.75 0.72 0.98
C ASP A 27 -6.04 1.95 0.12
N LEU A 28 -5.72 3.12 0.61
CA LEU A 28 -5.93 4.35 -0.19
C LEU A 28 -4.89 4.39 -1.31
N ARG A 29 -3.66 4.06 -1.00
CA ARG A 29 -2.57 4.13 -2.02
C ARG A 29 -3.03 3.44 -3.31
N HIS A 30 -3.02 2.13 -3.33
CA HIS A 30 -3.31 1.43 -4.62
C HIS A 30 -4.63 1.93 -5.18
N ALA A 31 -5.69 1.85 -4.42
CA ALA A 31 -7.00 2.36 -4.92
C ALA A 31 -6.80 3.74 -5.52
N PHE A 32 -6.08 4.56 -4.84
CA PHE A 32 -5.80 5.93 -5.37
C PHE A 32 -5.03 5.80 -6.69
N ARG A 33 -3.89 5.16 -6.63
CA ARG A 33 -3.04 4.98 -7.84
C ARG A 33 -3.77 4.14 -8.86
N SER A 34 -4.90 3.62 -8.51
CA SER A 34 -5.56 2.64 -9.38
C SER A 34 -7.03 3.03 -9.57
N MET A 35 -7.48 4.04 -8.87
CA MET A 35 -8.91 4.44 -8.95
C MET A 35 -9.00 5.97 -8.87
N PHE A 36 -8.52 6.53 -7.78
CA PHE A 36 -8.62 8.01 -7.61
C PHE A 36 -7.86 8.69 -8.77
N PRO A 37 -8.56 9.39 -9.60
CA PRO A 37 -7.94 10.07 -10.78
C PRO A 37 -7.31 11.41 -10.40
N SER A 38 -7.99 12.17 -9.59
CA SER A 38 -7.46 13.50 -9.23
C SER A 38 -7.30 14.32 -10.52
N ALA A 39 -8.34 14.39 -11.30
CA ALA A 39 -8.25 15.09 -12.61
C ALA A 39 -7.95 16.58 -12.37
N GLU A 40 -7.06 17.13 -13.17
CA GLU A 40 -6.69 18.57 -13.05
C GLU A 40 -5.80 18.79 -11.82
N THR A 1 -2.73 -16.07 5.17
CA THR A 1 -1.77 -16.27 4.06
C THR A 1 -0.45 -15.56 4.39
N VAL A 2 0.09 -15.78 5.56
CA VAL A 2 1.37 -15.14 5.94
C VAL A 2 2.36 -15.24 4.78
N PHE A 3 2.43 -16.39 4.16
CA PHE A 3 3.38 -16.57 3.02
C PHE A 3 3.15 -15.47 1.99
N ALA A 4 1.93 -15.25 1.59
CA ALA A 4 1.64 -14.16 0.62
C ALA A 4 1.84 -12.82 1.31
N PHE A 5 1.49 -12.73 2.57
CA PHE A 5 1.66 -11.46 3.31
C PHE A 5 3.14 -11.08 3.35
N ALA A 6 3.95 -11.88 4.00
CA ALA A 6 5.41 -11.57 4.07
C ALA A 6 5.92 -11.24 2.67
N SER A 7 5.33 -11.84 1.67
CA SER A 7 5.75 -11.54 0.27
C SER A 7 5.31 -10.13 -0.11
N MET A 8 4.02 -9.90 -0.14
CA MET A 8 3.52 -8.54 -0.49
C MET A 8 4.18 -7.52 0.45
N LEU A 9 4.13 -7.77 1.72
CA LEU A 9 4.77 -6.86 2.68
C LEU A 9 6.21 -6.60 2.26
N CYS A 10 7.03 -7.61 2.22
CA CYS A 10 8.44 -7.42 1.78
C CYS A 10 8.46 -6.55 0.53
N LEU A 11 7.74 -6.94 -0.48
CA LEU A 11 7.71 -6.14 -1.74
C LEU A 11 7.07 -4.78 -1.48
N LEU A 12 5.77 -4.76 -1.31
CA LEU A 12 5.03 -3.48 -1.13
C LEU A 12 5.69 -2.62 -0.05
N ASN A 13 6.44 -3.21 0.82
CA ASN A 13 7.07 -2.43 1.93
C ASN A 13 8.47 -2.04 1.55
N SER A 14 9.29 -3.03 1.34
CA SER A 14 10.72 -2.77 1.10
C SER A 14 10.88 -1.79 -0.08
N THR A 15 9.92 -1.72 -0.97
CA THR A 15 10.05 -0.78 -2.11
C THR A 15 9.15 0.44 -1.91
N VAL A 16 8.26 0.41 -0.94
CA VAL A 16 7.42 1.62 -0.69
C VAL A 16 6.70 1.49 0.64
N ASN A 17 7.23 2.08 1.67
CA ASN A 17 6.51 2.09 2.98
C ASN A 17 7.19 3.01 3.96
N PRO A 18 8.46 2.83 4.18
CA PRO A 18 9.24 3.69 5.12
C PRO A 18 9.25 5.14 4.64
N ILE A 19 8.16 5.59 4.10
CA ILE A 19 8.16 6.93 3.47
C ILE A 19 6.99 7.75 4.02
N ILE A 20 5.81 7.52 3.50
CA ILE A 20 4.61 8.27 4.00
C ILE A 20 3.53 7.24 4.29
N TYR A 21 3.24 6.40 3.34
CA TYR A 21 2.29 5.29 3.60
C TYR A 21 2.99 4.27 4.51
N ALA A 22 3.57 4.73 5.59
CA ALA A 22 4.29 3.84 6.54
C ALA A 22 3.60 2.48 6.61
N LEU A 23 2.31 2.47 6.79
CA LEU A 23 1.55 1.17 6.81
C LEU A 23 0.10 1.44 7.20
N ARG A 24 -0.12 2.17 8.26
CA ARG A 24 -1.52 2.46 8.70
C ARG A 24 -2.33 2.94 7.50
N SER A 25 -1.82 3.90 6.79
CA SER A 25 -2.56 4.43 5.62
C SER A 25 -2.02 3.80 4.33
N LYS A 26 -1.22 2.77 4.44
CA LYS A 26 -0.75 2.06 3.21
C LYS A 26 -1.97 1.78 2.36
N ASP A 27 -3.00 1.30 2.99
CA ASP A 27 -4.23 0.91 2.24
C ASP A 27 -4.75 2.10 1.43
N LEU A 28 -4.84 3.23 2.05
CA LEU A 28 -5.35 4.43 1.34
C LEU A 28 -4.42 4.73 0.18
N ARG A 29 -3.16 4.47 0.33
CA ARG A 29 -2.19 4.77 -0.77
C ARG A 29 -2.59 4.01 -2.03
N HIS A 30 -2.48 2.72 -2.02
CA HIS A 30 -2.75 1.96 -3.27
C HIS A 30 -4.22 2.11 -3.63
N ALA A 31 -5.12 1.95 -2.70
CA ALA A 31 -6.54 2.22 -3.01
C ALA A 31 -6.64 3.59 -3.65
N PHE A 32 -6.02 4.57 -3.06
CA PHE A 32 -5.99 5.91 -3.68
C PHE A 32 -5.41 5.81 -5.09
N ARG A 33 -4.32 5.11 -5.24
CA ARG A 33 -3.64 5.06 -6.56
C ARG A 33 -4.09 3.84 -7.34
N SER A 34 -5.16 3.24 -6.94
CA SER A 34 -5.72 2.10 -7.71
C SER A 34 -7.24 2.03 -7.49
N MET A 35 -7.81 3.01 -6.84
CA MET A 35 -9.27 2.99 -6.53
C MET A 35 -9.77 4.42 -6.36
N PHE A 36 -9.12 5.20 -5.52
CA PHE A 36 -9.62 6.58 -5.27
C PHE A 36 -8.94 7.56 -6.23
N PRO A 37 -9.66 8.05 -7.21
CA PRO A 37 -9.12 9.01 -8.21
C PRO A 37 -9.14 10.44 -7.67
N SER A 38 -10.16 10.75 -6.91
CA SER A 38 -10.25 12.12 -6.34
C SER A 38 -10.33 13.13 -7.50
N ALA A 39 -11.33 12.99 -8.33
CA ALA A 39 -11.48 13.92 -9.49
C ALA A 39 -11.86 15.29 -8.97
N GLU A 40 -10.88 16.11 -8.67
CA GLU A 40 -11.15 17.45 -8.07
C GLU A 40 -11.61 17.27 -6.62
N THR A 1 -2.82 -17.07 7.15
CA THR A 1 -1.83 -17.01 6.04
C THR A 1 -0.83 -15.86 6.30
N VAL A 2 -0.36 -15.73 7.52
CA VAL A 2 0.62 -14.65 7.85
C VAL A 2 1.70 -14.60 6.77
N PHE A 3 2.16 -15.74 6.32
CA PHE A 3 3.21 -15.75 5.25
C PHE A 3 2.72 -14.90 4.07
N ALA A 4 1.44 -14.89 3.83
CA ALA A 4 0.89 -14.01 2.76
C ALA A 4 1.02 -12.57 3.22
N PHE A 5 0.76 -12.32 4.47
CA PHE A 5 0.96 -10.95 5.03
C PHE A 5 2.42 -10.56 4.86
N ALA A 6 3.31 -11.35 5.40
CA ALA A 6 4.76 -11.04 5.23
C ALA A 6 5.04 -10.79 3.75
N SER A 7 4.52 -11.61 2.90
CA SER A 7 4.73 -11.41 1.43
C SER A 7 4.14 -10.08 0.98
N MET A 8 2.86 -9.89 1.17
CA MET A 8 2.23 -8.62 0.75
C MET A 8 2.93 -7.47 1.46
N LEU A 9 3.44 -7.71 2.62
CA LEU A 9 4.13 -6.63 3.36
C LEU A 9 5.46 -6.34 2.68
N CYS A 10 6.26 -7.36 2.48
CA CYS A 10 7.52 -7.18 1.73
C CYS A 10 7.21 -6.51 0.39
N LEU A 11 6.17 -6.94 -0.27
CA LEU A 11 5.80 -6.34 -1.59
C LEU A 11 5.28 -4.92 -1.36
N LEU A 12 4.31 -4.78 -0.51
CA LEU A 12 3.72 -3.44 -0.22
C LEU A 12 4.83 -2.52 0.23
N ASN A 13 5.91 -3.08 0.66
CA ASN A 13 7.04 -2.26 1.17
C ASN A 13 8.01 -2.02 0.05
N SER A 14 8.47 -3.06 -0.57
CA SER A 14 9.46 -2.88 -1.63
C SER A 14 8.87 -1.99 -2.71
N THR A 15 7.59 -2.12 -2.91
CA THR A 15 6.89 -1.22 -3.85
C THR A 15 7.03 0.22 -3.36
N VAL A 16 6.37 0.53 -2.28
CA VAL A 16 6.43 1.92 -1.77
C VAL A 16 5.93 1.98 -0.32
N ASN A 17 6.74 1.63 0.62
CA ASN A 17 6.29 1.83 2.04
C ASN A 17 7.42 2.28 2.97
N PRO A 18 8.61 1.74 2.86
CA PRO A 18 9.71 2.11 3.78
C PRO A 18 10.05 3.58 3.65
N ILE A 19 9.31 4.26 2.86
CA ILE A 19 9.56 5.69 2.63
C ILE A 19 8.65 6.52 3.52
N ILE A 20 7.55 7.00 2.98
CA ILE A 20 6.64 7.89 3.78
C ILE A 20 5.26 7.25 3.88
N TYR A 21 5.02 6.20 3.14
CA TYR A 21 3.67 5.56 3.17
C TYR A 21 3.53 4.78 4.47
N ALA A 22 4.38 5.04 5.44
CA ALA A 22 4.31 4.34 6.76
C ALA A 22 3.86 2.89 6.59
N LEU A 23 2.57 2.66 6.58
CA LEU A 23 2.03 1.29 6.35
C LEU A 23 0.55 1.27 6.71
N ARG A 24 0.17 2.01 7.72
CA ARG A 24 -1.23 1.96 8.23
C ARG A 24 -2.23 2.06 7.09
N SER A 25 -2.37 3.22 6.52
CA SER A 25 -3.47 3.42 5.54
C SER A 25 -2.89 3.71 4.16
N LYS A 26 -1.66 3.37 3.92
CA LYS A 26 -1.08 3.66 2.58
C LYS A 26 -1.64 2.67 1.56
N ASP A 27 -2.09 1.54 2.03
CA ASP A 27 -2.70 0.55 1.11
C ASP A 27 -3.84 1.24 0.35
N LEU A 28 -4.66 1.95 1.07
CA LEU A 28 -5.69 2.77 0.41
C LEU A 28 -5.00 3.91 -0.33
N ARG A 29 -4.02 4.51 0.29
CA ARG A 29 -3.32 5.67 -0.34
C ARG A 29 -2.85 5.30 -1.75
N HIS A 30 -1.84 4.48 -1.86
CA HIS A 30 -1.27 4.21 -3.22
C HIS A 30 -2.40 3.74 -4.13
N ALA A 31 -3.26 2.88 -3.65
CA ALA A 31 -4.44 2.49 -4.45
C ALA A 31 -5.18 3.77 -4.84
N PHE A 32 -5.30 4.67 -3.93
CA PHE A 32 -5.94 5.97 -4.24
C PHE A 32 -5.03 6.77 -5.19
N ARG A 33 -3.91 7.21 -4.71
CA ARG A 33 -2.98 8.04 -5.54
C ARG A 33 -2.70 7.34 -6.87
N SER A 34 -2.89 6.06 -6.94
CA SER A 34 -2.56 5.33 -8.19
C SER A 34 -3.83 4.82 -8.86
N MET A 35 -4.91 4.74 -8.13
CA MET A 35 -6.16 4.16 -8.71
C MET A 35 -7.35 5.05 -8.36
N PHE A 36 -7.71 5.11 -7.10
CA PHE A 36 -8.94 5.87 -6.72
C PHE A 36 -8.80 7.31 -7.20
N PRO A 37 -9.69 7.75 -8.04
CA PRO A 37 -9.69 9.13 -8.56
C PRO A 37 -10.48 10.05 -7.66
N SER A 38 -11.62 9.58 -7.19
CA SER A 38 -12.48 10.42 -6.33
C SER A 38 -12.78 11.71 -7.10
N ALA A 39 -13.03 11.58 -8.38
CA ALA A 39 -13.27 12.77 -9.23
C ALA A 39 -14.44 13.57 -8.66
N GLU A 40 -15.55 12.92 -8.46
CA GLU A 40 -16.76 13.63 -7.93
C GLU A 40 -17.79 12.60 -7.50
N THR A 1 -3.96 -15.97 5.29
CA THR A 1 -2.67 -16.20 4.60
C THR A 1 -1.73 -15.01 4.88
N VAL A 2 -1.48 -14.71 6.12
CA VAL A 2 -0.57 -13.58 6.45
C VAL A 2 0.72 -13.73 5.63
N PHE A 3 1.12 -14.92 5.33
CA PHE A 3 2.34 -15.12 4.49
C PHE A 3 2.24 -14.21 3.25
N ALA A 4 1.07 -14.09 2.70
CA ALA A 4 0.89 -13.17 1.54
C ALA A 4 1.09 -11.73 2.02
N PHE A 5 0.49 -11.38 3.12
CA PHE A 5 0.69 -10.02 3.68
C PHE A 5 2.18 -9.83 3.96
N ALA A 6 2.75 -10.65 4.81
CA ALA A 6 4.20 -10.53 5.13
C ALA A 6 5.00 -10.42 3.83
N SER A 7 4.66 -11.19 2.84
CA SER A 7 5.40 -11.11 1.55
C SER A 7 5.19 -9.73 0.92
N MET A 8 3.96 -9.36 0.69
CA MET A 8 3.68 -8.02 0.10
C MET A 8 4.27 -6.94 1.01
N LEU A 9 4.25 -7.19 2.29
CA LEU A 9 4.80 -6.20 3.26
C LEU A 9 6.31 -6.09 3.07
N CYS A 10 7.00 -7.18 3.23
CA CYS A 10 8.48 -7.16 3.05
C CYS A 10 8.82 -6.52 1.71
N LEU A 11 7.98 -6.67 0.74
CA LEU A 11 8.27 -6.07 -0.60
C LEU A 11 7.76 -4.63 -0.64
N LEU A 12 6.46 -4.45 -0.55
CA LEU A 12 5.88 -3.08 -0.63
C LEU A 12 6.54 -2.16 0.38
N ASN A 13 6.93 -2.68 1.52
CA ASN A 13 7.49 -1.78 2.58
C ASN A 13 8.91 -1.45 2.28
N SER A 14 9.72 -2.44 2.07
CA SER A 14 11.16 -2.20 1.91
C SER A 14 11.42 -1.66 0.50
N THR A 15 10.41 -1.10 -0.11
CA THR A 15 10.57 -0.50 -1.46
C THR A 15 9.92 0.88 -1.47
N VAL A 16 8.67 0.93 -1.80
CA VAL A 16 7.92 2.21 -1.80
C VAL A 16 7.09 2.31 -0.54
N ASN A 17 7.66 2.79 0.52
CA ASN A 17 6.86 2.85 1.77
C ASN A 17 7.47 3.79 2.79
N PRO A 18 8.73 3.68 3.07
CA PRO A 18 9.38 4.53 4.11
C PRO A 18 9.16 6.00 3.78
N ILE A 19 8.68 6.25 2.59
CA ILE A 19 8.39 7.63 2.19
C ILE A 19 7.18 8.15 2.97
N ILE A 20 6.04 7.50 2.81
CA ILE A 20 4.82 7.99 3.53
C ILE A 20 3.84 6.83 3.74
N TYR A 21 3.43 6.17 2.70
CA TYR A 21 2.40 5.09 2.85
C TYR A 21 2.90 3.97 3.78
N ALA A 22 4.00 4.20 4.47
CA ALA A 22 4.58 3.16 5.40
C ALA A 22 3.64 1.97 5.57
N LEU A 23 2.55 2.17 6.26
CA LEU A 23 1.56 1.07 6.42
C LEU A 23 0.18 1.68 6.51
N ARG A 24 -0.06 2.41 7.57
CA ARG A 24 -1.36 3.12 7.76
C ARG A 24 -1.98 3.48 6.41
N SER A 25 -1.25 4.18 5.59
CA SER A 25 -1.83 4.66 4.31
C SER A 25 -1.18 3.94 3.13
N LYS A 26 -0.54 2.82 3.36
CA LYS A 26 -0.11 1.99 2.20
C LYS A 26 -1.35 1.57 1.46
N ASP A 27 -2.43 1.42 2.18
CA ASP A 27 -3.70 1.05 1.54
C ASP A 27 -4.15 2.16 0.61
N LEU A 28 -4.19 3.37 1.10
CA LEU A 28 -4.60 4.51 0.24
C LEU A 28 -3.66 4.58 -0.97
N ARG A 29 -2.41 4.26 -0.79
CA ARG A 29 -1.45 4.33 -1.92
C ARG A 29 -2.02 3.59 -3.13
N HIS A 30 -2.22 2.31 -3.02
CA HIS A 30 -2.74 1.54 -4.19
C HIS A 30 -4.22 1.86 -4.38
N ALA A 31 -4.99 1.81 -3.33
CA ALA A 31 -6.41 2.19 -3.45
C ALA A 31 -6.50 3.55 -4.13
N PHE A 32 -5.53 4.37 -3.92
CA PHE A 32 -5.50 5.64 -4.65
C PHE A 32 -5.19 5.37 -6.11
N ARG A 33 -4.02 4.85 -6.39
CA ARG A 33 -3.67 4.49 -7.79
C ARG A 33 -4.36 3.18 -8.17
N SER A 34 -5.64 3.08 -7.94
CA SER A 34 -6.37 1.82 -8.29
C SER A 34 -7.84 1.93 -7.87
N MET A 35 -8.16 2.78 -6.95
CA MET A 35 -9.56 2.84 -6.42
C MET A 35 -10.02 4.29 -6.28
N PHE A 36 -9.25 5.12 -5.65
CA PHE A 36 -9.69 6.50 -5.38
C PHE A 36 -10.05 7.19 -6.70
N PRO A 37 -11.29 7.62 -6.84
CA PRO A 37 -11.75 8.33 -8.05
C PRO A 37 -11.45 9.82 -7.97
N SER A 38 -11.44 10.34 -6.77
CA SER A 38 -11.16 11.78 -6.59
C SER A 38 -12.25 12.60 -7.28
N ALA A 39 -13.47 12.41 -6.86
CA ALA A 39 -14.59 13.18 -7.46
C ALA A 39 -14.59 14.60 -6.86
N GLU A 40 -15.55 15.40 -7.19
CA GLU A 40 -15.59 16.78 -6.63
C GLU A 40 -15.91 16.71 -5.14
N THR A 1 -4.50 -16.04 5.91
CA THR A 1 -3.24 -16.29 5.17
C THR A 1 -2.26 -15.14 5.44
N VAL A 2 -2.01 -14.86 6.69
CA VAL A 2 -1.07 -13.76 7.05
C VAL A 2 0.18 -13.86 6.16
N PHE A 3 0.57 -15.04 5.78
CA PHE A 3 1.76 -15.18 4.91
C PHE A 3 1.58 -14.30 3.67
N ALA A 4 0.37 -14.20 3.19
CA ALA A 4 0.09 -13.29 2.03
C ALA A 4 0.34 -11.85 2.48
N PHE A 5 -0.11 -11.53 3.67
CA PHE A 5 0.19 -10.19 4.23
C PHE A 5 1.70 -10.00 4.30
N ALA A 6 2.37 -10.88 5.01
CA ALA A 6 3.85 -10.79 5.10
C ALA A 6 4.45 -10.71 3.70
N SER A 7 3.92 -11.46 2.78
CA SER A 7 4.45 -11.45 1.38
C SER A 7 4.25 -10.06 0.78
N MET A 8 3.02 -9.64 0.67
CA MET A 8 2.75 -8.29 0.09
C MET A 8 3.50 -7.24 0.90
N LEU A 9 3.53 -7.42 2.19
CA LEU A 9 4.22 -6.43 3.06
C LEU A 9 5.70 -6.41 2.72
N CYS A 10 6.38 -7.51 2.90
CA CYS A 10 7.82 -7.55 2.56
C CYS A 10 8.03 -6.95 1.17
N LEU A 11 7.14 -7.22 0.26
CA LEU A 11 7.29 -6.70 -1.13
C LEU A 11 6.86 -5.23 -1.19
N LEU A 12 5.58 -4.98 -1.08
CA LEU A 12 5.05 -3.60 -1.27
C LEU A 12 5.61 -2.66 -0.21
N ASN A 13 6.01 -3.17 0.92
CA ASN A 13 6.50 -2.27 2.00
C ASN A 13 7.94 -1.87 1.72
N SER A 14 8.83 -2.83 1.70
CA SER A 14 10.27 -2.53 1.52
C SER A 14 10.49 -1.56 0.36
N THR A 15 10.21 -1.99 -0.84
CA THR A 15 10.53 -1.14 -2.03
C THR A 15 9.73 0.16 -1.99
N VAL A 16 8.61 0.17 -1.34
CA VAL A 16 7.80 1.43 -1.34
C VAL A 16 6.97 1.55 -0.08
N ASN A 17 7.49 2.22 0.92
CA ASN A 17 6.62 2.54 2.10
C ASN A 17 7.39 3.33 3.14
N PRO A 18 8.53 2.85 3.56
CA PRO A 18 9.33 3.53 4.61
C PRO A 18 9.57 4.98 4.24
N ILE A 19 9.31 5.31 3.00
CA ILE A 19 9.57 6.68 2.52
C ILE A 19 8.39 7.60 2.88
N ILE A 20 7.18 7.17 2.64
CA ILE A 20 6.02 8.08 2.86
C ILE A 20 4.73 7.29 3.00
N TYR A 21 4.46 6.37 2.10
CA TYR A 21 3.16 5.64 2.15
C TYR A 21 3.03 4.92 3.49
N ALA A 22 4.06 4.96 4.29
CA ALA A 22 4.03 4.36 5.66
C ALA A 22 3.45 2.95 5.60
N LEU A 23 2.16 2.82 5.65
CA LEU A 23 1.51 1.48 5.62
C LEU A 23 0.03 1.65 5.94
N ARG A 24 -0.30 2.65 6.71
CA ARG A 24 -1.73 2.90 7.05
C ARG A 24 -2.46 3.38 5.79
N SER A 25 -1.99 4.45 5.22
CA SER A 25 -2.64 5.00 4.01
C SER A 25 -2.07 4.31 2.78
N LYS A 26 -1.28 3.28 2.99
CA LYS A 26 -0.71 2.52 1.84
C LYS A 26 -1.84 2.23 0.85
N ASP A 27 -2.97 1.82 1.36
CA ASP A 27 -4.13 1.52 0.47
C ASP A 27 -4.46 2.76 -0.35
N LEU A 28 -4.79 3.84 0.32
CA LEU A 28 -5.11 5.10 -0.39
C LEU A 28 -3.95 5.47 -1.31
N ARG A 29 -2.75 5.07 -0.98
CA ARG A 29 -1.59 5.47 -1.80
C ARG A 29 -1.77 4.98 -3.23
N HIS A 30 -1.79 3.69 -3.45
CA HIS A 30 -1.98 3.19 -4.84
C HIS A 30 -3.44 3.40 -5.21
N ALA A 31 -4.35 3.06 -4.32
CA ALA A 31 -5.78 3.33 -4.59
C ALA A 31 -5.90 4.77 -5.07
N PHE A 32 -5.13 5.64 -4.50
CA PHE A 32 -5.07 7.02 -5.03
C PHE A 32 -4.48 6.98 -6.42
N ARG A 33 -3.23 6.63 -6.50
CA ARG A 33 -2.55 6.57 -7.82
C ARG A 33 -3.09 5.40 -8.63
N SER A 34 -4.39 5.28 -8.70
CA SER A 34 -5.03 4.20 -9.49
C SER A 34 -6.55 4.34 -9.42
N MET A 35 -7.07 4.96 -8.38
CA MET A 35 -8.55 5.01 -8.20
C MET A 35 -9.03 6.44 -7.97
N PHE A 36 -8.54 7.08 -6.94
CA PHE A 36 -9.15 8.39 -6.51
C PHE A 36 -9.64 9.18 -7.72
N PRO A 37 -10.92 9.37 -7.80
CA PRO A 37 -11.55 10.16 -8.90
C PRO A 37 -11.57 11.64 -8.58
N SER A 38 -11.72 11.95 -7.32
CA SER A 38 -11.80 13.38 -6.92
C SER A 38 -13.03 13.99 -7.62
N ALA A 39 -14.11 13.25 -7.62
CA ALA A 39 -15.34 13.71 -8.33
C ALA A 39 -16.11 14.67 -7.42
N GLU A 40 -15.63 14.89 -6.24
CA GLU A 40 -16.37 15.77 -5.28
C GLU A 40 -15.88 17.21 -5.46
N THR A 1 -6.90 -12.23 5.64
CA THR A 1 -5.87 -12.92 4.82
C THR A 1 -4.48 -12.38 5.19
N VAL A 2 -4.10 -12.47 6.44
CA VAL A 2 -2.77 -11.98 6.86
C VAL A 2 -1.68 -12.56 5.95
N PHE A 3 -1.85 -13.78 5.52
CA PHE A 3 -0.85 -14.39 4.60
C PHE A 3 -0.67 -13.49 3.38
N ALA A 4 -1.76 -13.16 2.73
CA ALA A 4 -1.68 -12.24 1.56
C ALA A 4 -1.12 -10.89 2.04
N PHE A 5 -1.62 -10.41 3.15
CA PHE A 5 -1.13 -9.11 3.68
C PHE A 5 0.38 -9.17 3.86
N ALA A 6 0.86 -9.97 4.77
CA ALA A 6 2.33 -10.06 5.01
C ALA A 6 3.06 -10.17 3.66
N SER A 7 2.58 -11.01 2.80
CA SER A 7 3.23 -11.16 1.46
C SER A 7 3.23 -9.82 0.74
N MET A 8 2.08 -9.25 0.55
CA MET A 8 2.00 -7.91 -0.10
C MET A 8 2.78 -6.91 0.74
N LEU A 9 2.90 -7.18 2.00
CA LEU A 9 3.65 -6.27 2.91
C LEU A 9 5.12 -6.30 2.51
N CYS A 10 5.77 -7.42 2.64
CA CYS A 10 7.19 -7.52 2.22
C CYS A 10 7.34 -7.02 0.79
N LEU A 11 6.42 -7.39 -0.07
CA LEU A 11 6.51 -6.97 -1.49
C LEU A 11 6.32 -5.45 -1.59
N LEU A 12 5.14 -4.97 -1.28
CA LEU A 12 4.88 -3.50 -1.37
C LEU A 12 5.92 -2.74 -0.56
N ASN A 13 6.46 -3.37 0.46
CA ASN A 13 7.44 -2.67 1.33
C ASN A 13 8.81 -2.68 0.67
N SER A 14 9.30 -3.82 0.30
CA SER A 14 10.65 -3.90 -0.31
C SER A 14 10.60 -3.41 -1.75
N THR A 15 9.64 -2.59 -2.09
CA THR A 15 9.54 -2.08 -3.48
C THR A 15 9.28 -0.59 -3.46
N VAL A 16 8.15 -0.18 -2.99
CA VAL A 16 7.83 1.27 -2.94
C VAL A 16 7.32 1.62 -1.57
N ASN A 17 8.20 1.80 -0.63
CA ASN A 17 7.73 2.11 0.74
C ASN A 17 8.77 2.92 1.51
N PRO A 18 10.01 2.52 1.48
CA PRO A 18 11.09 3.22 2.22
C PRO A 18 11.23 4.66 1.74
N ILE A 19 10.36 5.08 0.88
CA ILE A 19 10.45 6.46 0.35
C ILE A 19 9.59 7.38 1.21
N ILE A 20 8.29 7.29 1.06
CA ILE A 20 7.37 8.14 1.87
C ILE A 20 6.20 7.28 2.36
N TYR A 21 5.64 6.49 1.49
CA TYR A 21 4.46 5.66 1.86
C TYR A 21 4.78 4.85 3.12
N ALA A 22 6.03 4.56 3.35
CA ALA A 22 6.46 3.91 4.63
C ALA A 22 5.66 2.63 4.89
N LEU A 23 4.41 2.75 5.26
CA LEU A 23 3.58 1.55 5.55
C LEU A 23 2.21 2.04 6.06
N ARG A 24 2.21 3.17 6.71
CA ARG A 24 0.94 3.72 7.27
C ARG A 24 -0.08 3.94 6.13
N SER A 25 0.09 4.99 5.38
CA SER A 25 -0.89 5.29 4.29
C SER A 25 -0.57 4.44 3.07
N LYS A 26 0.40 3.57 3.16
CA LYS A 26 0.77 2.74 1.98
C LYS A 26 -0.50 2.17 1.36
N ASP A 27 -1.38 1.63 2.16
CA ASP A 27 -2.63 1.03 1.64
C ASP A 27 -3.33 2.05 0.74
N LEU A 28 -3.92 3.05 1.32
CA LEU A 28 -4.64 4.08 0.52
C LEU A 28 -3.73 4.61 -0.58
N ARG A 29 -2.46 4.70 -0.33
CA ARG A 29 -1.53 5.25 -1.36
C ARG A 29 -1.79 4.57 -2.70
N HIS A 30 -1.66 3.28 -2.77
CA HIS A 30 -1.93 2.60 -4.07
C HIS A 30 -3.43 2.34 -4.18
N ALA A 31 -4.09 2.08 -3.08
CA ALA A 31 -5.57 2.03 -3.14
C ALA A 31 -6.07 3.38 -3.64
N PHE A 32 -5.18 4.33 -3.72
CA PHE A 32 -5.54 5.66 -4.27
C PHE A 32 -4.99 5.75 -5.68
N ARG A 33 -3.70 5.82 -5.78
CA ARG A 33 -3.03 5.93 -7.11
C ARG A 33 -3.26 4.67 -7.93
N SER A 34 -4.19 3.86 -7.54
CA SER A 34 -4.41 2.61 -8.30
C SER A 34 -5.79 2.02 -7.97
N MET A 35 -6.62 2.74 -7.25
CA MET A 35 -8.00 2.23 -6.97
C MET A 35 -8.94 3.42 -6.71
N PHE A 36 -8.65 4.23 -5.74
CA PHE A 36 -9.57 5.36 -5.43
C PHE A 36 -9.75 6.21 -6.68
N PRO A 37 -10.96 6.38 -7.11
CA PRO A 37 -11.28 7.19 -8.32
C PRO A 37 -11.31 8.67 -8.00
N SER A 38 -11.58 8.98 -6.76
CA SER A 38 -11.61 10.40 -6.33
C SER A 38 -12.72 11.12 -7.10
N ALA A 39 -13.69 10.37 -7.56
CA ALA A 39 -14.84 10.99 -8.29
C ALA A 39 -15.60 11.88 -7.31
N GLU A 40 -15.98 11.34 -6.19
CA GLU A 40 -16.69 12.13 -5.16
C GLU A 40 -16.29 11.62 -3.77
N THR A 1 -2.51 -18.02 5.23
CA THR A 1 -1.80 -17.28 4.16
C THR A 1 -0.89 -16.21 4.77
N VAL A 2 -0.64 -16.29 6.05
CA VAL A 2 0.25 -15.28 6.70
C VAL A 2 1.55 -15.18 5.90
N PHE A 3 1.97 -16.26 5.28
CA PHE A 3 3.21 -16.22 4.46
C PHE A 3 3.03 -15.15 3.37
N ALA A 4 1.88 -15.11 2.76
CA ALA A 4 1.63 -14.11 1.68
C ALA A 4 1.68 -12.71 2.29
N PHE A 5 1.03 -12.53 3.41
CA PHE A 5 1.07 -11.21 4.09
C PHE A 5 2.51 -10.88 4.44
N ALA A 6 3.16 -11.71 5.20
CA ALA A 6 4.58 -11.45 5.56
C ALA A 6 5.38 -11.16 4.29
N SER A 7 5.12 -11.88 3.23
CA SER A 7 5.86 -11.65 1.97
C SER A 7 5.52 -10.26 1.42
N MET A 8 4.28 -10.01 1.14
CA MET A 8 3.89 -8.68 0.60
C MET A 8 4.35 -7.60 1.58
N LEU A 9 4.12 -7.80 2.84
CA LEU A 9 4.54 -6.80 3.85
C LEU A 9 5.97 -6.35 3.56
N CYS A 10 6.91 -7.24 3.68
CA CYS A 10 8.34 -6.89 3.42
C CYS A 10 8.49 -6.40 1.98
N LEU A 11 8.02 -7.16 1.04
CA LEU A 11 8.20 -6.77 -0.40
C LEU A 11 7.65 -5.35 -0.63
N LEU A 12 6.40 -5.15 -0.37
CA LEU A 12 5.79 -3.79 -0.54
C LEU A 12 6.61 -2.79 0.27
N ASN A 13 6.94 -3.15 1.47
CA ASN A 13 7.72 -2.22 2.32
C ASN A 13 9.08 -1.98 1.70
N SER A 14 9.50 -2.84 0.83
CA SER A 14 10.87 -2.69 0.29
C SER A 14 10.85 -1.79 -0.96
N THR A 15 9.68 -1.47 -1.47
CA THR A 15 9.62 -0.63 -2.69
C THR A 15 8.70 0.57 -2.47
N VAL A 16 7.69 0.42 -1.67
CA VAL A 16 6.72 1.52 -1.52
C VAL A 16 6.01 1.43 -0.18
N ASN A 17 6.55 2.03 0.84
CA ASN A 17 5.81 2.07 2.13
C ASN A 17 6.58 2.86 3.18
N PRO A 18 7.86 2.61 3.35
CA PRO A 18 8.68 3.37 4.32
C PRO A 18 8.79 4.84 3.91
N ILE A 19 7.73 5.37 3.35
CA ILE A 19 7.78 6.76 2.85
C ILE A 19 6.56 7.52 3.41
N ILE A 20 5.41 7.34 2.83
CA ILE A 20 4.19 8.04 3.33
C ILE A 20 3.08 7.02 3.54
N TYR A 21 3.08 5.96 2.77
CA TYR A 21 2.00 4.93 2.89
C TYR A 21 2.32 4.00 4.06
N ALA A 22 3.39 4.29 4.79
CA ALA A 22 3.82 3.44 5.96
C ALA A 22 3.02 2.15 6.05
N LEU A 23 1.81 2.24 6.51
CA LEU A 23 0.91 1.06 6.55
C LEU A 23 -0.48 1.57 6.89
N ARG A 24 -0.55 2.37 7.91
CA ARG A 24 -1.82 3.09 8.24
C ARG A 24 -2.40 3.67 6.95
N SER A 25 -1.54 4.06 6.07
CA SER A 25 -1.98 4.80 4.87
C SER A 25 -1.66 4.00 3.62
N LYS A 26 -1.26 2.77 3.77
CA LYS A 26 -1.03 1.92 2.57
C LYS A 26 -2.32 1.90 1.77
N ASP A 27 -3.42 1.83 2.45
CA ASP A 27 -4.74 1.80 1.77
C ASP A 27 -4.87 3.02 0.88
N LEU A 28 -4.74 4.19 1.44
CA LEU A 28 -4.89 5.44 0.64
C LEU A 28 -3.79 5.53 -0.42
N ARG A 29 -3.01 4.49 -0.57
CA ARG A 29 -1.95 4.53 -1.63
C ARG A 29 -2.51 3.91 -2.90
N HIS A 30 -2.85 2.65 -2.86
CA HIS A 30 -3.43 2.02 -4.07
C HIS A 30 -4.85 2.54 -4.25
N ALA A 31 -5.62 2.55 -3.20
CA ALA A 31 -6.97 3.17 -3.29
C ALA A 31 -6.82 4.54 -3.96
N PHE A 32 -5.79 5.24 -3.64
CA PHE A 32 -5.54 6.55 -4.32
C PHE A 32 -5.14 6.29 -5.77
N ARG A 33 -4.10 5.56 -5.99
CA ARG A 33 -3.68 5.22 -7.39
C ARG A 33 -4.58 4.12 -7.94
N SER A 34 -5.87 4.28 -7.77
CA SER A 34 -6.84 3.26 -8.24
C SER A 34 -8.26 3.78 -8.05
N MET A 35 -8.46 4.64 -7.09
CA MET A 35 -9.82 5.17 -6.82
C MET A 35 -9.80 6.70 -6.88
N PHE A 36 -8.92 7.31 -6.14
CA PHE A 36 -8.88 8.80 -6.08
C PHE A 36 -8.64 9.38 -7.48
N PRO A 37 -9.58 10.15 -7.98
CA PRO A 37 -9.43 10.82 -9.30
C PRO A 37 -8.71 12.16 -9.19
N SER A 38 -9.03 12.90 -8.17
CA SER A 38 -8.48 14.28 -8.06
C SER A 38 -9.00 15.08 -9.26
N ALA A 39 -10.17 14.73 -9.74
CA ALA A 39 -10.75 15.42 -10.92
C ALA A 39 -11.62 16.58 -10.44
N GLU A 40 -12.85 16.63 -10.89
CA GLU A 40 -13.78 17.69 -10.43
C GLU A 40 -15.21 17.26 -10.75
N THR A 1 -1.39 -16.60 8.30
CA THR A 1 -0.17 -16.86 7.50
C THR A 1 0.71 -15.60 7.49
N VAL A 2 1.16 -15.18 8.64
CA VAL A 2 1.99 -13.94 8.71
C VAL A 2 3.10 -14.01 7.67
N PHE A 3 3.63 -15.17 7.42
CA PHE A 3 4.73 -15.30 6.41
C PHE A 3 4.37 -14.50 5.15
N ALA A 4 3.18 -14.68 4.64
CA ALA A 4 2.75 -13.87 3.47
C ALA A 4 2.79 -12.39 3.85
N PHE A 5 2.41 -12.09 5.07
CA PHE A 5 2.50 -10.68 5.56
C PHE A 5 3.97 -10.27 5.58
N ALA A 6 4.80 -11.01 6.26
CA ALA A 6 6.25 -10.68 6.27
C ALA A 6 6.74 -10.52 4.84
N SER A 7 6.24 -11.32 3.94
CA SER A 7 6.65 -11.18 2.52
C SER A 7 6.19 -9.82 2.00
N MET A 8 4.91 -9.59 1.98
CA MET A 8 4.39 -8.28 1.53
C MET A 8 5.06 -7.17 2.33
N LEU A 9 5.25 -7.39 3.59
CA LEU A 9 5.87 -6.38 4.47
C LEU A 9 7.28 -6.08 3.98
N CYS A 10 8.14 -7.05 4.03
CA CYS A 10 9.52 -6.85 3.50
C CYS A 10 9.43 -6.27 2.09
N LEU A 11 8.52 -6.76 1.32
CA LEU A 11 8.38 -6.28 -0.09
C LEU A 11 7.63 -4.95 -0.10
N LEU A 12 6.34 -5.00 -0.21
CA LEU A 12 5.51 -3.77 -0.31
C LEU A 12 5.93 -2.74 0.73
N ASN A 13 6.15 -3.16 1.94
CA ASN A 13 6.42 -2.16 3.02
C ASN A 13 7.78 -1.53 2.81
N SER A 14 8.79 -2.32 2.92
CA SER A 14 10.15 -1.74 3.02
C SER A 14 10.57 -1.07 1.71
N THR A 15 9.95 -1.40 0.61
CA THR A 15 10.34 -0.72 -0.67
C THR A 15 9.52 0.56 -0.83
N VAL A 16 8.32 0.60 -0.33
CA VAL A 16 7.49 1.84 -0.46
C VAL A 16 6.27 1.75 0.43
N ASN A 17 6.29 2.41 1.55
CA ASN A 17 5.07 2.39 2.39
C ASN A 17 5.24 3.27 3.63
N PRO A 18 6.31 3.13 4.35
CA PRO A 18 6.55 3.95 5.57
C PRO A 18 6.37 5.43 5.25
N ILE A 19 6.47 5.77 4.01
CA ILE A 19 6.32 7.18 3.60
C ILE A 19 4.89 7.64 3.86
N ILE A 20 3.92 7.09 3.16
CA ILE A 20 2.51 7.52 3.37
C ILE A 20 1.57 6.31 3.27
N TYR A 21 1.67 5.54 2.23
CA TYR A 21 0.67 4.44 2.02
C TYR A 21 0.76 3.40 3.14
N ALA A 22 1.84 3.41 3.91
CA ALA A 22 1.97 2.48 5.08
C ALA A 22 1.73 1.04 4.64
N LEU A 23 0.51 0.72 4.32
CA LEU A 23 0.14 -0.62 3.82
C LEU A 23 -1.38 -0.69 3.86
N ARG A 24 -1.94 -0.42 5.00
CA ARG A 24 -3.42 -0.30 5.11
C ARG A 24 -3.90 0.68 4.05
N SER A 25 -3.15 1.72 3.82
CA SER A 25 -3.58 2.76 2.84
C SER A 25 -2.95 2.49 1.48
N LYS A 26 -2.31 1.36 1.30
CA LYS A 26 -1.79 1.04 -0.06
C LYS A 26 -2.99 0.96 -1.01
N ASP A 27 -4.06 0.41 -0.51
CA ASP A 27 -5.33 0.40 -1.28
C ASP A 27 -5.52 1.77 -1.91
N LEU A 28 -5.19 2.81 -1.20
CA LEU A 28 -5.22 4.18 -1.80
C LEU A 28 -4.02 4.30 -2.74
N ARG A 29 -2.86 4.59 -2.20
CA ARG A 29 -1.60 4.68 -3.04
C ARG A 29 -1.91 4.60 -4.53
N HIS A 30 -2.20 3.43 -5.03
CA HIS A 30 -2.51 3.29 -6.47
C HIS A 30 -3.93 3.80 -6.75
N ALA A 31 -4.92 3.21 -6.12
CA ALA A 31 -6.31 3.72 -6.31
C ALA A 31 -6.30 5.23 -6.11
N PHE A 32 -5.34 5.72 -5.40
CA PHE A 32 -5.20 7.18 -5.27
C PHE A 32 -4.57 7.71 -6.56
N ARG A 33 -3.47 7.13 -6.95
CA ARG A 33 -2.81 7.53 -8.22
C ARG A 33 -3.46 6.79 -9.39
N SER A 34 -4.75 6.59 -9.35
CA SER A 34 -5.41 5.82 -10.43
C SER A 34 -6.93 5.88 -10.27
N MET A 35 -7.41 5.77 -9.06
CA MET A 35 -8.89 5.76 -8.83
C MET A 35 -9.35 7.11 -8.28
N PHE A 36 -8.50 7.78 -7.55
CA PHE A 36 -8.94 9.05 -6.91
C PHE A 36 -9.38 10.05 -7.97
N PRO A 37 -10.63 10.43 -7.94
CA PRO A 37 -11.17 11.49 -8.82
C PRO A 37 -10.92 12.85 -8.19
N SER A 38 -10.62 12.84 -6.91
CA SER A 38 -10.41 14.12 -6.19
C SER A 38 -11.76 14.76 -5.91
N ALA A 39 -12.81 14.15 -6.38
CA ALA A 39 -14.19 14.61 -6.03
C ALA A 39 -14.70 13.72 -4.91
N GLU A 40 -15.77 14.08 -4.26
CA GLU A 40 -16.30 13.26 -3.15
C GLU A 40 -17.75 12.89 -3.43
N THR A 1 -4.47 -15.40 6.03
CA THR A 1 -3.41 -15.29 4.98
C THR A 1 -2.24 -14.46 5.53
N VAL A 2 -1.87 -14.66 6.76
CA VAL A 2 -0.73 -13.89 7.34
C VAL A 2 0.50 -14.09 6.45
N PHE A 3 0.74 -15.29 6.00
CA PHE A 3 1.92 -15.54 5.11
C PHE A 3 1.80 -14.62 3.89
N ALA A 4 0.65 -14.57 3.28
CA ALA A 4 0.45 -13.64 2.13
C ALA A 4 0.80 -12.23 2.58
N PHE A 5 0.44 -11.88 3.78
CA PHE A 5 0.83 -10.55 4.31
C PHE A 5 2.34 -10.48 4.41
N ALA A 6 2.95 -11.44 5.05
CA ALA A 6 4.45 -11.45 5.13
C ALA A 6 5.02 -11.23 3.73
N SER A 7 4.40 -11.80 2.73
CA SER A 7 4.89 -11.62 1.34
C SER A 7 4.63 -10.18 0.89
N MET A 8 3.39 -9.76 0.90
CA MET A 8 3.07 -8.36 0.50
C MET A 8 3.95 -7.41 1.32
N LEU A 9 4.02 -7.63 2.59
CA LEU A 9 4.86 -6.79 3.48
C LEU A 9 6.19 -6.49 2.78
N CYS A 10 6.91 -7.51 2.40
CA CYS A 10 8.22 -7.29 1.74
C CYS A 10 8.00 -6.71 0.34
N LEU A 11 7.27 -7.40 -0.49
CA LEU A 11 7.06 -6.93 -1.90
C LEU A 11 6.65 -5.45 -1.90
N LEU A 12 5.69 -5.10 -1.10
CA LEU A 12 5.21 -3.69 -1.05
C LEU A 12 6.29 -2.81 -0.44
N ASN A 13 6.89 -3.27 0.62
CA ASN A 13 7.92 -2.43 1.30
C ASN A 13 9.08 -2.19 0.36
N SER A 14 9.48 -3.20 -0.35
CA SER A 14 10.70 -3.07 -1.16
C SER A 14 10.48 -2.05 -2.28
N THR A 15 9.26 -1.81 -2.66
CA THR A 15 9.01 -0.79 -3.72
C THR A 15 8.72 0.55 -3.05
N VAL A 16 7.87 0.56 -2.07
CA VAL A 16 7.56 1.83 -1.36
C VAL A 16 6.59 1.55 -0.22
N ASN A 17 7.01 1.73 0.99
CA ASN A 17 6.03 1.61 2.10
C ASN A 17 6.60 2.15 3.41
N PRO A 18 7.77 1.72 3.80
CA PRO A 18 8.39 2.22 5.06
C PRO A 18 8.52 3.73 5.05
N ILE A 19 8.17 4.32 3.97
CA ILE A 19 8.29 5.78 3.84
C ILE A 19 7.14 6.46 4.56
N ILE A 20 5.96 6.39 3.98
CA ILE A 20 4.80 7.11 4.58
C ILE A 20 3.64 6.13 4.76
N TYR A 21 3.17 5.55 3.69
CA TYR A 21 1.98 4.66 3.76
C TYR A 21 2.32 3.35 4.49
N ALA A 22 3.19 3.44 5.48
CA ALA A 22 3.62 2.26 6.29
C ALA A 22 2.93 0.97 5.85
N LEU A 23 1.65 0.87 6.08
CA LEU A 23 0.89 -0.36 5.68
C LEU A 23 -0.60 -0.10 5.87
N ARG A 24 -1.00 0.20 7.06
CA ARG A 24 -2.43 0.54 7.33
C ARG A 24 -2.73 1.91 6.72
N SER A 25 -2.35 2.08 5.49
CA SER A 25 -2.55 3.39 4.81
C SER A 25 -2.27 3.21 3.32
N LYS A 26 -1.33 2.35 2.99
CA LYS A 26 -1.06 2.06 1.56
C LYS A 26 -2.39 1.90 0.83
N ASP A 27 -3.36 1.34 1.50
CA ASP A 27 -4.69 1.18 0.85
C ASP A 27 -5.14 2.51 0.28
N LEU A 28 -5.08 3.55 1.05
CA LEU A 28 -5.49 4.89 0.56
C LEU A 28 -4.51 5.36 -0.51
N ARG A 29 -3.37 4.75 -0.61
CA ARG A 29 -2.35 5.21 -1.59
C ARG A 29 -2.62 4.61 -2.94
N HIS A 30 -2.51 3.30 -3.07
CA HIS A 30 -2.70 2.69 -4.42
C HIS A 30 -4.18 2.73 -4.78
N ALA A 31 -5.03 2.17 -3.95
CA ALA A 31 -6.49 2.26 -4.21
C ALA A 31 -6.81 3.68 -4.69
N PHE A 32 -6.25 4.65 -4.03
CA PHE A 32 -6.40 6.05 -4.53
C PHE A 32 -5.68 6.17 -5.89
N ARG A 33 -4.38 6.05 -5.89
CA ARG A 33 -3.61 6.13 -7.16
C ARG A 33 -3.90 4.91 -8.03
N SER A 34 -5.15 4.62 -8.22
CA SER A 34 -5.55 3.47 -9.07
C SER A 34 -7.07 3.43 -9.18
N MET A 35 -7.74 3.86 -8.14
CA MET A 35 -9.22 3.86 -8.12
C MET A 35 -9.73 5.28 -7.97
N PHE A 36 -9.30 5.95 -6.93
CA PHE A 36 -9.82 7.33 -6.67
C PHE A 36 -9.37 8.26 -7.80
N PRO A 37 -10.29 8.86 -8.50
CA PRO A 37 -9.98 9.84 -9.58
C PRO A 37 -9.90 11.24 -8.99
N SER A 38 -10.67 11.46 -7.94
CA SER A 38 -10.74 12.82 -7.36
C SER A 38 -11.18 13.79 -8.45
N ALA A 39 -11.90 13.29 -9.42
CA ALA A 39 -12.35 14.15 -10.56
C ALA A 39 -13.85 14.40 -10.46
N GLU A 40 -14.47 14.80 -11.54
CA GLU A 40 -15.93 15.07 -11.52
C GLU A 40 -16.68 13.77 -11.86
N THR A 1 -0.43 -17.43 8.29
CA THR A 1 0.56 -17.56 7.20
C THR A 1 1.47 -16.32 7.20
N VAL A 2 2.09 -16.03 8.33
CA VAL A 2 2.97 -14.82 8.42
C VAL A 2 3.84 -14.73 7.16
N PHE A 3 4.25 -15.84 6.61
CA PHE A 3 5.08 -15.80 5.37
C PHE A 3 4.39 -14.90 4.34
N ALA A 4 3.09 -14.95 4.27
CA ALA A 4 2.36 -14.06 3.34
C ALA A 4 2.54 -12.62 3.81
N PHE A 5 2.35 -12.37 5.08
CA PHE A 5 2.57 -11.01 5.62
C PHE A 5 3.99 -10.56 5.30
N ALA A 6 4.97 -11.31 5.72
CA ALA A 6 6.38 -10.94 5.44
C ALA A 6 6.56 -10.68 3.94
N SER A 7 6.01 -11.54 3.13
CA SER A 7 6.14 -11.37 1.66
C SER A 7 5.46 -10.08 1.22
N MET A 8 4.19 -9.97 1.45
CA MET A 8 3.46 -8.73 1.09
C MET A 8 4.20 -7.54 1.69
N LEU A 9 4.56 -7.64 2.92
CA LEU A 9 5.32 -6.54 3.58
C LEU A 9 6.57 -6.23 2.75
N CYS A 10 7.50 -7.14 2.67
CA CYS A 10 8.74 -6.89 1.87
C CYS A 10 8.35 -6.30 0.52
N LEU A 11 7.34 -6.85 -0.10
CA LEU A 11 6.92 -6.36 -1.45
C LEU A 11 6.12 -5.05 -1.30
N LEU A 12 4.89 -5.16 -0.89
CA LEU A 12 3.99 -3.97 -0.80
C LEU A 12 4.64 -2.86 0.02
N ASN A 13 5.55 -3.18 0.90
CA ASN A 13 6.11 -2.12 1.77
C ASN A 13 7.17 -1.35 1.00
N SER A 14 8.28 -1.97 0.75
CA SER A 14 9.41 -1.24 0.14
C SER A 14 9.01 -0.65 -1.21
N THR A 15 8.21 -1.33 -1.98
CA THR A 15 7.81 -0.78 -3.31
C THR A 15 6.93 0.46 -3.10
N VAL A 16 6.15 0.46 -2.05
CA VAL A 16 5.34 1.68 -1.76
C VAL A 16 4.69 1.52 -0.40
N ASN A 17 5.20 2.16 0.60
CA ASN A 17 4.51 2.10 1.91
C ASN A 17 5.15 3.02 2.95
N PRO A 18 6.44 3.03 3.08
CA PRO A 18 7.11 3.95 4.03
C PRO A 18 6.97 5.38 3.54
N ILE A 19 5.76 5.74 3.20
CA ILE A 19 5.55 7.00 2.46
C ILE A 19 4.16 7.57 2.78
N ILE A 20 3.28 7.66 1.81
CA ILE A 20 1.93 8.23 2.07
C ILE A 20 1.00 7.12 2.53
N TYR A 21 0.86 6.07 1.75
CA TYR A 21 0.00 4.94 2.18
C TYR A 21 0.71 4.18 3.30
N ALA A 22 1.04 4.87 4.36
CA ALA A 22 1.77 4.23 5.49
C ALA A 22 0.90 3.17 6.16
N LEU A 23 0.52 2.15 5.43
CA LEU A 23 -0.31 1.05 6.02
C LEU A 23 -1.67 1.60 6.45
N ARG A 24 -1.67 2.49 7.40
CA ARG A 24 -2.96 3.12 7.82
C ARG A 24 -3.63 3.72 6.58
N SER A 25 -2.85 4.16 5.65
CA SER A 25 -3.42 4.77 4.42
C SER A 25 -3.17 3.83 3.23
N LYS A 26 -2.68 2.64 3.48
CA LYS A 26 -2.47 1.69 2.35
C LYS A 26 -3.80 1.46 1.66
N ASP A 27 -4.86 1.47 2.42
CA ASP A 27 -6.22 1.36 1.80
C ASP A 27 -6.34 2.44 0.74
N LEU A 28 -5.93 3.63 1.06
CA LEU A 28 -5.98 4.74 0.07
C LEU A 28 -4.86 4.57 -0.96
N ARG A 29 -4.20 3.45 -0.99
CA ARG A 29 -3.15 3.24 -2.02
C ARG A 29 -3.78 2.54 -3.23
N HIS A 30 -4.19 1.32 -3.07
CA HIS A 30 -4.83 0.61 -4.20
C HIS A 30 -6.19 1.25 -4.45
N ALA A 31 -6.98 1.44 -3.43
CA ALA A 31 -8.28 2.15 -3.62
C ALA A 31 -8.02 3.42 -4.41
N PHE A 32 -7.06 4.19 -4.00
CA PHE A 32 -6.68 5.38 -4.80
C PHE A 32 -6.43 4.94 -6.24
N ARG A 33 -5.60 3.94 -6.41
CA ARG A 33 -5.27 3.47 -7.79
C ARG A 33 -6.27 2.41 -8.22
N SER A 34 -7.46 2.50 -7.72
CA SER A 34 -8.55 1.58 -8.14
C SER A 34 -9.92 2.21 -7.82
N MET A 35 -9.93 3.42 -7.31
CA MET A 35 -11.20 4.07 -6.89
C MET A 35 -11.01 5.58 -6.88
N PHE A 36 -10.09 6.07 -6.09
CA PHE A 36 -9.92 7.55 -5.99
C PHE A 36 -9.14 8.04 -7.20
N PRO A 37 -9.76 8.83 -8.02
CA PRO A 37 -9.12 9.40 -9.23
C PRO A 37 -8.30 10.62 -8.85
N SER A 38 -8.76 11.34 -7.86
CA SER A 38 -7.99 12.51 -7.34
C SER A 38 -7.90 13.60 -8.41
N ALA A 39 -7.87 13.22 -9.66
CA ALA A 39 -7.76 14.22 -10.75
C ALA A 39 -6.39 14.87 -10.69
N GLU A 40 -5.36 14.14 -11.03
CA GLU A 40 -3.98 14.69 -10.99
C GLU A 40 -3.40 14.68 -12.40
N THR A 1 -4.84 -15.71 5.45
CA THR A 1 -3.67 -16.28 6.18
C THR A 1 -2.69 -15.14 6.50
N VAL A 2 -2.00 -15.24 7.61
CA VAL A 2 -0.95 -14.24 7.92
C VAL A 2 0.10 -14.28 6.82
N PHE A 3 0.21 -15.41 6.16
CA PHE A 3 1.15 -15.52 5.01
C PHE A 3 0.76 -14.47 3.96
N ALA A 4 -0.52 -14.34 3.70
CA ALA A 4 -0.97 -13.30 2.74
C ALA A 4 -0.62 -11.93 3.30
N PHE A 5 -0.75 -11.76 4.59
CA PHE A 5 -0.37 -10.48 5.22
C PHE A 5 1.11 -10.23 4.96
N ALA A 6 1.95 -11.14 5.38
CA ALA A 6 3.41 -10.99 5.11
C ALA A 6 3.62 -10.76 3.61
N SER A 7 2.91 -11.47 2.79
CA SER A 7 3.05 -11.29 1.31
C SER A 7 2.76 -9.83 0.96
N MET A 8 1.57 -9.39 1.22
CA MET A 8 1.22 -7.97 0.93
C MET A 8 2.19 -7.07 1.68
N LEU A 9 2.53 -7.43 2.87
CA LEU A 9 3.49 -6.61 3.65
C LEU A 9 4.77 -6.44 2.84
N CYS A 10 5.44 -7.51 2.55
CA CYS A 10 6.70 -7.43 1.74
C CYS A 10 6.41 -6.73 0.40
N LEU A 11 5.40 -7.18 -0.30
CA LEU A 11 5.10 -6.58 -1.63
C LEU A 11 4.90 -5.07 -1.47
N LEU A 12 3.95 -4.68 -0.66
CA LEU A 12 3.72 -3.23 -0.41
C LEU A 12 4.99 -2.60 0.12
N ASN A 13 5.72 -3.33 0.92
CA ASN A 13 6.93 -2.76 1.57
C ASN A 13 7.97 -2.47 0.51
N SER A 14 8.15 -3.37 -0.41
CA SER A 14 9.22 -3.18 -1.42
C SER A 14 8.70 -2.29 -2.56
N THR A 15 7.61 -1.63 -2.37
CA THR A 15 7.01 -0.81 -3.47
C THR A 15 6.65 0.56 -2.94
N VAL A 16 5.82 0.60 -1.95
CA VAL A 16 5.32 1.89 -1.44
C VAL A 16 5.26 1.80 0.06
N ASN A 17 6.37 1.94 0.69
CA ASN A 17 6.38 1.80 2.17
C ASN A 17 7.57 2.47 2.82
N PRO A 18 8.76 2.38 2.26
CA PRO A 18 9.93 3.07 2.86
C PRO A 18 9.75 4.58 2.80
N ILE A 19 8.57 5.01 2.47
CA ILE A 19 8.30 6.45 2.33
C ILE A 19 7.16 6.84 3.28
N ILE A 20 6.13 7.47 2.78
CA ILE A 20 5.00 7.86 3.66
C ILE A 20 3.96 6.74 3.65
N TYR A 21 4.05 5.86 2.69
CA TYR A 21 3.07 4.75 2.62
C TYR A 21 3.31 3.78 3.78
N ALA A 22 3.67 4.30 4.93
CA ALA A 22 3.95 3.43 6.12
C ALA A 22 2.98 2.26 6.14
N LEU A 23 1.71 2.53 6.18
CA LEU A 23 0.71 1.42 6.11
C LEU A 23 -0.67 1.99 6.33
N ARG A 24 -1.00 2.25 7.57
CA ARG A 24 -2.33 2.83 7.93
C ARG A 24 -3.33 2.62 6.80
N SER A 25 -3.51 3.61 5.96
CA SER A 25 -4.45 3.47 4.81
C SER A 25 -3.66 3.63 3.51
N LYS A 26 -2.36 3.47 3.56
CA LYS A 26 -1.54 3.68 2.34
C LYS A 26 -1.96 2.68 1.27
N ASP A 27 -2.43 1.55 1.68
CA ASP A 27 -2.85 0.51 0.70
C ASP A 27 -3.96 1.09 -0.18
N LEU A 28 -4.83 1.85 0.42
CA LEU A 28 -5.87 2.56 -0.36
C LEU A 28 -5.26 3.83 -0.91
N ARG A 29 -4.38 4.44 -0.15
CA ARG A 29 -3.70 5.67 -0.62
C ARG A 29 -3.18 5.45 -2.05
N HIS A 30 -2.27 4.54 -2.25
CA HIS A 30 -1.73 4.37 -3.62
C HIS A 30 -2.86 3.94 -4.55
N ALA A 31 -3.75 3.13 -4.08
CA ALA A 31 -4.97 2.82 -4.90
C ALA A 31 -5.82 4.08 -5.01
N PHE A 32 -5.41 5.13 -4.35
CA PHE A 32 -6.17 6.40 -4.40
C PHE A 32 -5.30 7.45 -5.07
N ARG A 33 -4.29 7.92 -4.38
CA ARG A 33 -3.31 8.87 -4.97
C ARG A 33 -2.76 8.35 -6.29
N SER A 34 -3.15 7.17 -6.70
CA SER A 34 -2.57 6.59 -7.93
C SER A 34 -3.64 5.83 -8.72
N MET A 35 -4.81 5.62 -8.15
CA MET A 35 -5.90 4.94 -8.91
C MET A 35 -7.21 5.68 -8.67
N PHE A 36 -7.68 5.73 -7.45
CA PHE A 36 -8.93 6.47 -7.16
C PHE A 36 -8.66 7.95 -7.42
N PRO A 37 -9.37 8.56 -8.34
CA PRO A 37 -9.16 9.99 -8.69
C PRO A 37 -9.88 10.90 -7.72
N SER A 38 -10.97 10.43 -7.18
CA SER A 38 -11.78 11.28 -6.28
C SER A 38 -12.40 12.39 -7.12
N ALA A 39 -12.92 12.01 -8.26
CA ALA A 39 -13.59 12.99 -9.15
C ALA A 39 -14.74 12.30 -9.88
N GLU A 40 -15.18 11.18 -9.37
CA GLU A 40 -16.29 10.43 -10.02
C GLU A 40 -17.59 11.24 -9.92
N THR A 1 -2.73 -16.35 5.52
CA THR A 1 -1.68 -16.62 4.52
C THR A 1 -0.42 -15.82 4.89
N VAL A 2 0.12 -16.04 6.06
CA VAL A 2 1.34 -15.30 6.47
C VAL A 2 2.38 -15.37 5.35
N PHE A 3 2.47 -16.50 4.70
CA PHE A 3 3.47 -16.66 3.59
C PHE A 3 3.33 -15.50 2.61
N ALA A 4 2.24 -15.44 1.91
CA ALA A 4 2.04 -14.32 0.92
C ALA A 4 2.12 -12.99 1.66
N PHE A 5 1.55 -12.92 2.83
CA PHE A 5 1.56 -11.63 3.59
C PHE A 5 3.01 -11.22 3.87
N ALA A 6 3.69 -11.96 4.71
CA ALA A 6 5.10 -11.59 5.05
C ALA A 6 5.89 -11.31 3.78
N SER A 7 5.59 -12.00 2.72
CA SER A 7 6.31 -11.77 1.43
C SER A 7 5.91 -10.41 0.88
N MET A 8 4.65 -10.23 0.57
CA MET A 8 4.18 -8.93 0.05
C MET A 8 4.62 -7.82 1.00
N LEU A 9 4.33 -8.00 2.26
CA LEU A 9 4.66 -6.96 3.27
C LEU A 9 6.09 -6.48 3.08
N CYS A 10 7.05 -7.29 3.45
CA CYS A 10 8.47 -6.86 3.35
C CYS A 10 8.71 -6.17 2.00
N LEU A 11 8.13 -6.70 0.95
CA LEU A 11 8.35 -6.12 -0.40
C LEU A 11 7.44 -4.88 -0.60
N LEU A 12 6.17 -5.10 -0.79
CA LEU A 12 5.23 -3.97 -1.03
C LEU A 12 5.41 -2.90 0.04
N ASN A 13 5.92 -3.27 1.18
CA ASN A 13 6.15 -2.25 2.24
C ASN A 13 7.44 -1.50 1.94
N SER A 14 8.52 -2.22 1.95
CA SER A 14 9.84 -1.56 1.76
C SER A 14 9.85 -0.77 0.46
N THR A 15 9.24 -1.28 -0.59
CA THR A 15 9.24 -0.54 -1.87
C THR A 15 8.42 0.75 -1.71
N VAL A 16 7.39 0.72 -0.90
CA VAL A 16 6.59 1.95 -0.72
C VAL A 16 5.69 1.82 0.51
N ASN A 17 6.09 2.38 1.62
CA ASN A 17 5.19 2.39 2.80
C ASN A 17 5.79 3.21 3.92
N PRO A 18 7.02 2.97 4.26
CA PRO A 18 7.71 3.74 5.33
C PRO A 18 7.66 5.24 5.03
N ILE A 19 7.23 5.58 3.85
CA ILE A 19 7.17 7.01 3.47
C ILE A 19 5.86 7.62 4.00
N ILE A 20 4.74 7.26 3.42
CA ILE A 20 3.45 7.86 3.88
C ILE A 20 2.39 6.76 4.04
N TYR A 21 2.27 5.89 3.06
CA TYR A 21 1.21 4.84 3.12
C TYR A 21 1.41 3.96 4.35
N ALA A 22 2.49 4.16 5.06
CA ALA A 22 2.75 3.41 6.33
C ALA A 22 2.37 1.93 6.17
N LEU A 23 1.13 1.62 6.34
CA LEU A 23 0.66 0.21 6.21
C LEU A 23 -0.85 0.20 6.20
N ARG A 24 -1.46 0.94 7.07
CA ARG A 24 -2.95 1.03 7.05
C ARG A 24 -3.36 1.86 5.84
N SER A 25 -2.60 2.88 5.55
CA SER A 25 -2.95 3.75 4.39
C SER A 25 -2.53 3.07 3.09
N LYS A 26 -1.93 1.91 3.17
CA LYS A 26 -1.61 1.16 1.92
C LYS A 26 -2.89 1.08 1.11
N ASP A 27 -3.94 0.66 1.77
CA ASP A 27 -5.27 0.60 1.12
C ASP A 27 -5.48 1.83 0.23
N LEU A 28 -5.49 2.99 0.83
CA LEU A 28 -5.67 4.24 0.04
C LEU A 28 -4.55 4.37 -0.98
N ARG A 29 -3.36 3.97 -0.64
CA ARG A 29 -2.22 4.13 -1.59
C ARG A 29 -2.59 3.53 -2.95
N HIS A 30 -2.78 2.24 -3.00
CA HIS A 30 -3.09 1.62 -4.32
C HIS A 30 -4.53 1.94 -4.69
N ALA A 31 -5.45 1.83 -3.75
CA ALA A 31 -6.85 2.25 -4.04
C ALA A 31 -6.80 3.64 -4.67
N PHE A 32 -5.89 4.45 -4.24
CA PHE A 32 -5.70 5.77 -4.91
C PHE A 32 -5.08 5.50 -6.28
N ARG A 33 -3.89 4.99 -6.31
CA ARG A 33 -3.21 4.69 -7.60
C ARG A 33 -3.91 3.53 -8.32
N SER A 34 -5.21 3.52 -8.31
CA SER A 34 -5.97 2.44 -9.00
C SER A 34 -7.46 2.76 -8.93
N MET A 35 -7.88 3.43 -7.91
CA MET A 35 -9.33 3.77 -7.75
C MET A 35 -9.48 5.30 -7.65
N PHE A 36 -8.88 5.91 -6.66
CA PHE A 36 -9.08 7.38 -6.50
C PHE A 36 -8.46 8.12 -7.67
N PRO A 37 -9.26 8.82 -8.43
CA PRO A 37 -8.76 9.71 -9.50
C PRO A 37 -8.51 11.10 -8.95
N SER A 38 -9.10 11.39 -7.82
CA SER A 38 -9.02 12.77 -7.30
C SER A 38 -9.77 13.66 -8.31
N ALA A 39 -10.96 13.24 -8.63
CA ALA A 39 -11.72 13.86 -9.75
C ALA A 39 -11.90 15.35 -9.52
N GLU A 40 -11.68 16.12 -10.55
CA GLU A 40 -11.99 17.56 -10.49
C GLU A 40 -13.16 17.84 -11.44
N THR A 1 -3.09 -16.18 6.41
CA THR A 1 -2.26 -15.67 5.30
C THR A 1 -1.04 -14.93 5.86
N VAL A 2 -0.47 -15.42 6.92
CA VAL A 2 0.76 -14.76 7.47
C VAL A 2 1.81 -14.71 6.37
N PHE A 3 1.86 -15.70 5.54
CA PHE A 3 2.84 -15.70 4.41
C PHE A 3 2.54 -14.51 3.50
N ALA A 4 1.31 -14.40 3.05
CA ALA A 4 0.96 -13.25 2.18
C ALA A 4 1.30 -11.95 2.91
N PHE A 5 0.85 -11.82 4.14
CA PHE A 5 1.16 -10.60 4.92
C PHE A 5 2.67 -10.42 4.99
N ALA A 6 3.36 -11.34 5.62
CA ALA A 6 4.84 -11.21 5.76
C ALA A 6 5.47 -10.85 4.40
N SER A 7 5.02 -11.49 3.36
CA SER A 7 5.60 -11.21 2.01
C SER A 7 5.24 -9.80 1.57
N MET A 8 3.97 -9.52 1.44
CA MET A 8 3.55 -8.16 1.01
C MET A 8 4.21 -7.14 1.93
N LEU A 9 4.29 -7.46 3.18
CA LEU A 9 4.97 -6.56 4.14
C LEU A 9 6.43 -6.43 3.73
N CYS A 10 7.20 -7.47 3.89
CA CYS A 10 8.64 -7.41 3.47
C CYS A 10 8.76 -6.70 2.12
N LEU A 11 7.83 -6.92 1.24
CA LEU A 11 7.90 -6.27 -0.09
C LEU A 11 7.30 -4.86 -0.01
N LEU A 12 5.99 -4.76 -0.09
CA LEU A 12 5.33 -3.42 -0.06
C LEU A 12 5.84 -2.59 1.12
N ASN A 13 6.03 -3.20 2.24
CA ASN A 13 6.47 -2.42 3.44
C ASN A 13 7.89 -1.92 3.24
N SER A 14 8.68 -2.65 2.52
CA SER A 14 10.11 -2.28 2.39
C SER A 14 10.27 -1.20 1.29
N THR A 15 9.49 -1.27 0.25
CA THR A 15 9.69 -0.30 -0.88
C THR A 15 8.56 0.74 -0.92
N VAL A 16 7.40 0.44 -0.40
CA VAL A 16 6.27 1.40 -0.53
C VAL A 16 5.49 1.48 0.78
N ASN A 17 6.01 2.14 1.78
CA ASN A 17 5.19 2.32 3.01
C ASN A 17 5.85 3.27 3.99
N PRO A 18 7.08 3.04 4.35
CA PRO A 18 7.79 3.90 5.34
C PRO A 18 7.70 5.38 4.96
N ILE A 19 7.14 5.65 3.80
CA ILE A 19 7.07 7.05 3.34
C ILE A 19 5.84 7.75 3.96
N ILE A 20 4.66 7.26 3.70
CA ILE A 20 3.44 7.92 4.25
C ILE A 20 2.36 6.88 4.57
N TYR A 21 1.94 6.10 3.61
CA TYR A 21 0.84 5.12 3.84
C TYR A 21 1.28 4.03 4.83
N ALA A 22 2.27 4.30 5.64
CA ALA A 22 2.79 3.27 6.60
C ALA A 22 1.66 2.51 7.28
N LEU A 23 1.14 1.48 6.63
CA LEU A 23 0.10 0.61 7.26
C LEU A 23 -1.08 1.42 7.77
N ARG A 24 -1.29 2.60 7.22
CA ARG A 24 -2.53 3.35 7.55
C ARG A 24 -3.29 3.62 6.26
N SER A 25 -2.96 4.68 5.58
CA SER A 25 -3.63 4.97 4.29
C SER A 25 -3.24 3.93 3.24
N LYS A 26 -2.39 3.00 3.60
CA LYS A 26 -1.96 1.96 2.62
C LYS A 26 -3.18 1.49 1.83
N ASP A 27 -4.21 1.09 2.53
CA ASP A 27 -5.45 0.60 1.86
C ASP A 27 -5.80 1.52 0.68
N LEU A 28 -5.94 2.79 0.93
CA LEU A 28 -6.33 3.72 -0.16
C LEU A 28 -5.15 3.93 -1.11
N ARG A 29 -3.96 4.01 -0.58
CA ARG A 29 -2.78 4.33 -1.43
C ARG A 29 -2.88 3.64 -2.79
N HIS A 30 -3.12 2.36 -2.82
CA HIS A 30 -3.22 1.67 -4.15
C HIS A 30 -4.67 1.77 -4.64
N ALA A 31 -5.61 1.56 -3.75
CA ALA A 31 -7.03 1.78 -4.14
C ALA A 31 -7.16 3.20 -4.68
N PHE A 32 -6.15 3.98 -4.48
CA PHE A 32 -6.14 5.36 -5.00
C PHE A 32 -5.19 5.41 -6.19
N ARG A 33 -3.93 5.17 -5.94
CA ARG A 33 -2.92 5.16 -7.04
C ARG A 33 -3.09 3.91 -7.91
N SER A 34 -4.30 3.62 -8.30
CA SER A 34 -4.51 2.42 -9.16
C SER A 34 -6.01 2.15 -9.31
N MET A 35 -6.81 2.53 -8.35
CA MET A 35 -8.25 2.23 -8.43
C MET A 35 -9.07 3.52 -8.43
N PHE A 36 -8.86 4.38 -7.47
CA PHE A 36 -9.66 5.64 -7.42
C PHE A 36 -9.64 6.28 -8.81
N PRO A 37 -10.78 6.34 -9.45
CA PRO A 37 -10.90 6.89 -10.83
C PRO A 37 -10.88 8.40 -10.82
N SER A 38 -11.38 8.98 -9.77
CA SER A 38 -11.46 10.46 -9.71
C SER A 38 -12.43 10.93 -10.79
N ALA A 39 -13.45 10.15 -11.02
CA ALA A 39 -14.51 10.56 -11.99
C ALA A 39 -15.64 11.20 -11.19
N GLU A 40 -16.86 11.10 -11.67
CA GLU A 40 -18.01 11.65 -10.88
C GLU A 40 -18.28 10.71 -9.70
N THR A 1 -4.17 -14.98 5.12
CA THR A 1 -3.04 -14.95 4.17
C THR A 1 -1.86 -14.22 4.80
N VAL A 2 -1.55 -14.52 6.04
CA VAL A 2 -0.40 -13.85 6.71
C VAL A 2 0.85 -13.92 5.83
N PHE A 3 1.09 -15.05 5.23
CA PHE A 3 2.29 -15.19 4.35
C PHE A 3 2.20 -14.18 3.20
N ALA A 4 1.06 -14.12 2.55
CA ALA A 4 0.89 -13.11 1.47
C ALA A 4 1.09 -11.72 2.08
N PHE A 5 0.56 -11.52 3.25
CA PHE A 5 0.78 -10.22 3.96
C PHE A 5 2.28 -9.97 4.10
N ALA A 6 2.98 -10.87 4.74
CA ALA A 6 4.46 -10.69 4.88
C ALA A 6 5.07 -10.47 3.49
N SER A 7 4.52 -11.10 2.49
CA SER A 7 5.05 -10.91 1.11
C SER A 7 4.78 -9.48 0.64
N MET A 8 3.53 -9.13 0.54
CA MET A 8 3.18 -7.75 0.07
C MET A 8 3.83 -6.74 1.00
N LEU A 9 3.94 -7.08 2.24
CA LEU A 9 4.61 -6.17 3.20
C LEU A 9 6.09 -6.07 2.82
N CYS A 10 6.77 -7.17 2.77
CA CYS A 10 8.19 -7.16 2.33
C CYS A 10 8.29 -6.44 1.00
N LEU A 11 7.31 -6.59 0.15
CA LEU A 11 7.37 -5.98 -1.19
C LEU A 11 7.01 -4.48 -1.10
N LEU A 12 5.79 -4.18 -0.78
CA LEU A 12 5.32 -2.76 -0.77
C LEU A 12 5.99 -1.97 0.37
N ASN A 13 6.41 -2.64 1.41
CA ASN A 13 6.95 -1.90 2.59
C ASN A 13 8.42 -1.60 2.39
N SER A 14 9.20 -2.62 2.22
CA SER A 14 10.67 -2.41 2.18
C SER A 14 11.03 -1.67 0.90
N THR A 15 10.05 -1.34 0.11
CA THR A 15 10.29 -0.56 -1.12
C THR A 15 9.82 0.88 -0.91
N VAL A 16 8.57 1.13 -1.18
CA VAL A 16 8.03 2.51 -1.04
C VAL A 16 7.11 2.56 0.16
N ASN A 17 7.64 2.79 1.31
CA ASN A 17 6.75 2.82 2.50
C ASN A 17 7.40 3.58 3.66
N PRO A 18 8.64 3.33 3.95
CA PRO A 18 9.35 4.04 5.05
C PRO A 18 9.46 5.54 4.76
N ILE A 19 8.71 6.00 3.80
CA ILE A 19 8.75 7.43 3.44
C ILE A 19 7.54 8.13 4.08
N ILE A 20 6.36 7.86 3.57
CA ILE A 20 5.14 8.49 4.15
C ILE A 20 4.07 7.41 4.38
N TYR A 21 3.96 6.49 3.47
CA TYR A 21 2.91 5.44 3.59
C TYR A 21 3.25 4.49 4.74
N ALA A 22 4.38 4.71 5.38
CA ALA A 22 4.81 3.88 6.55
C ALA A 22 4.28 2.46 6.44
N LEU A 23 3.08 2.24 6.90
CA LEU A 23 2.46 0.89 6.82
C LEU A 23 0.95 1.05 6.72
N ARG A 24 0.37 1.82 7.60
CA ARG A 24 -1.10 2.00 7.59
C ARG A 24 -1.48 3.01 6.50
N SER A 25 -0.73 4.06 6.35
CA SER A 25 -1.06 5.08 5.32
C SER A 25 -0.99 4.44 3.93
N LYS A 26 -0.31 3.33 3.81
CA LYS A 26 -0.27 2.63 2.50
C LYS A 26 -1.69 2.40 2.03
N ASP A 27 -2.58 2.17 2.95
CA ASP A 27 -4.02 2.00 2.58
C ASP A 27 -4.44 3.14 1.67
N LEU A 28 -4.32 4.35 2.13
CA LEU A 28 -4.69 5.52 1.29
C LEU A 28 -3.81 5.57 0.04
N ARG A 29 -2.79 4.76 -0.02
CA ARG A 29 -1.87 4.82 -1.20
C ARG A 29 -2.29 3.78 -2.23
N HIS A 30 -2.11 2.53 -1.94
CA HIS A 30 -2.45 1.49 -2.96
C HIS A 30 -3.95 1.51 -3.19
N ALA A 31 -4.73 1.63 -2.15
CA ALA A 31 -6.20 1.76 -2.34
C ALA A 31 -6.45 2.96 -3.23
N PHE A 32 -5.91 4.09 -2.89
CA PHE A 32 -6.08 5.29 -3.75
C PHE A 32 -5.63 4.97 -5.17
N ARG A 33 -4.49 4.37 -5.30
CA ARG A 33 -3.95 4.05 -6.66
C ARG A 33 -4.73 2.91 -7.29
N SER A 34 -5.38 2.12 -6.50
CA SER A 34 -6.00 0.88 -7.02
C SER A 34 -7.51 0.92 -6.79
N MET A 35 -8.01 1.99 -6.24
CA MET A 35 -9.47 2.10 -5.95
C MET A 35 -9.92 3.53 -6.21
N PHE A 36 -9.41 4.47 -5.46
CA PHE A 36 -9.84 5.88 -5.65
C PHE A 36 -9.72 6.26 -7.13
N PRO A 37 -10.81 6.65 -7.73
CA PRO A 37 -10.83 7.06 -9.17
C PRO A 37 -10.40 8.50 -9.34
N SER A 38 -10.78 9.35 -8.40
CA SER A 38 -10.43 10.78 -8.54
C SER A 38 -11.04 11.28 -9.86
N ALA A 39 -12.27 10.92 -10.11
CA ALA A 39 -12.92 11.26 -11.40
C ALA A 39 -13.57 12.64 -11.32
N GLU A 40 -13.22 13.43 -10.35
CA GLU A 40 -13.84 14.78 -10.21
C GLU A 40 -12.76 15.81 -9.91
N THR A 1 -4.34 -15.36 5.65
CA THR A 1 -2.94 -15.82 5.61
C THR A 1 -2.00 -14.65 5.93
N VAL A 2 -1.77 -14.40 7.19
CA VAL A 2 -0.84 -13.29 7.59
C VAL A 2 0.47 -13.46 6.83
N PHE A 3 0.84 -14.66 6.55
CA PHE A 3 2.07 -14.91 5.74
C PHE A 3 2.02 -14.05 4.48
N ALA A 4 0.87 -13.93 3.88
CA ALA A 4 0.73 -13.04 2.71
C ALA A 4 0.99 -11.61 3.17
N PHE A 5 0.45 -11.25 4.30
CA PHE A 5 0.74 -9.90 4.86
C PHE A 5 2.24 -9.77 5.04
N ALA A 6 2.81 -10.54 5.94
CA ALA A 6 4.29 -10.46 6.17
C ALA A 6 5.02 -10.40 4.83
N SER A 7 4.53 -11.08 3.84
CA SER A 7 5.16 -11.04 2.49
C SER A 7 4.95 -9.66 1.88
N MET A 8 3.73 -9.31 1.64
CA MET A 8 3.44 -7.97 1.06
C MET A 8 4.12 -6.92 1.94
N LEU A 9 3.88 -6.99 3.22
CA LEU A 9 4.54 -6.05 4.17
C LEU A 9 5.97 -5.80 3.72
N CYS A 10 6.75 -6.84 3.56
CA CYS A 10 8.14 -6.66 3.07
C CYS A 10 8.11 -6.10 1.65
N LEU A 11 7.35 -6.71 0.79
CA LEU A 11 7.31 -6.26 -0.62
C LEU A 11 6.72 -4.85 -0.72
N LEU A 12 5.46 -4.71 -0.41
CA LEU A 12 4.80 -3.38 -0.51
C LEU A 12 5.65 -2.31 0.16
N ASN A 13 6.35 -2.68 1.18
CA ASN A 13 7.08 -1.68 2.00
C ASN A 13 8.45 -1.45 1.41
N SER A 14 9.14 -2.50 1.16
CA SER A 14 10.53 -2.36 0.67
C SER A 14 10.48 -1.82 -0.77
N THR A 15 9.36 -1.97 -1.40
CA THR A 15 9.21 -1.44 -2.78
C THR A 15 8.95 0.06 -2.73
N VAL A 16 7.76 0.44 -2.35
CA VAL A 16 7.39 1.88 -2.38
C VAL A 16 6.48 2.20 -1.20
N ASN A 17 7.02 2.32 -0.03
CA ASN A 17 6.15 2.66 1.13
C ASN A 17 6.76 3.71 2.03
N PRO A 18 8.05 3.67 2.28
CA PRO A 18 8.67 4.66 3.19
C PRO A 18 8.63 6.05 2.59
N ILE A 19 7.51 6.41 2.02
CA ILE A 19 7.44 7.69 1.32
C ILE A 19 6.06 8.32 1.53
N ILE A 20 5.04 7.76 0.94
CA ILE A 20 3.69 8.40 1.03
C ILE A 20 2.70 7.44 1.68
N TYR A 21 2.40 6.35 1.03
CA TYR A 21 1.37 5.41 1.56
C TYR A 21 1.93 4.66 2.76
N ALA A 22 2.60 5.35 3.65
CA ALA A 22 3.24 4.70 4.83
C ALA A 22 2.34 3.64 5.45
N LEU A 23 2.56 2.39 5.12
CA LEU A 23 1.85 1.25 5.78
C LEU A 23 0.34 1.50 5.86
N ARG A 24 -0.12 2.15 6.89
CA ARG A 24 -1.59 2.31 7.08
C ARG A 24 -2.21 2.86 5.80
N SER A 25 -1.49 3.67 5.07
CA SER A 25 -2.05 4.23 3.82
C SER A 25 -1.66 3.36 2.62
N LYS A 26 -0.73 2.46 2.79
CA LYS A 26 -0.37 1.57 1.65
C LYS A 26 -1.64 0.94 1.13
N ASP A 27 -2.55 0.67 2.02
CA ASP A 27 -3.86 0.12 1.59
C ASP A 27 -4.51 1.09 0.61
N LEU A 28 -4.55 2.35 0.96
CA LEU A 28 -5.12 3.36 0.04
C LEU A 28 -4.32 3.32 -1.26
N ARG A 29 -3.03 3.21 -1.19
CA ARG A 29 -2.20 3.23 -2.43
C ARG A 29 -2.77 2.24 -3.46
N HIS A 30 -2.91 0.99 -3.11
CA HIS A 30 -3.39 0.02 -4.13
C HIS A 30 -4.89 0.17 -4.29
N ALA A 31 -5.63 0.15 -3.20
CA ALA A 31 -7.09 0.41 -3.30
C ALA A 31 -7.29 1.62 -4.20
N PHE A 32 -6.40 2.55 -4.12
CA PHE A 32 -6.42 3.70 -5.04
C PHE A 32 -6.01 3.22 -6.44
N ARG A 33 -4.85 2.64 -6.56
CA ARG A 33 -4.43 2.03 -7.86
C ARG A 33 -5.26 0.79 -8.13
N SER A 34 -6.54 0.87 -7.93
CA SER A 34 -7.40 -0.33 -8.10
C SER A 34 -8.87 0.04 -7.88
N MET A 35 -9.14 1.06 -7.12
CA MET A 35 -10.53 1.41 -6.75
C MET A 35 -10.74 2.90 -6.97
N PHE A 36 -9.96 3.70 -6.30
CA PHE A 36 -10.14 5.17 -6.44
C PHE A 36 -10.06 5.54 -7.91
N PRO A 37 -11.11 6.10 -8.45
CA PRO A 37 -11.17 6.48 -9.89
C PRO A 37 -10.40 7.76 -10.12
N SER A 38 -10.38 8.61 -9.14
CA SER A 38 -9.66 9.89 -9.29
C SER A 38 -10.27 10.65 -10.46
N ALA A 39 -11.54 10.46 -10.69
CA ALA A 39 -12.22 11.12 -11.83
C ALA A 39 -12.40 12.59 -11.50
N GLU A 40 -12.96 12.87 -10.36
CA GLU A 40 -13.22 14.29 -9.96
C GLU A 40 -12.86 14.46 -8.49
N THR A 1 0.93 -18.46 7.57
CA THR A 1 1.75 -18.24 6.36
C THR A 1 2.17 -16.77 6.29
N VAL A 2 2.60 -16.22 7.40
CA VAL A 2 3.03 -14.79 7.43
C VAL A 2 3.89 -14.50 6.20
N PHE A 3 4.70 -15.44 5.79
CA PHE A 3 5.56 -15.21 4.59
C PHE A 3 4.71 -14.62 3.46
N ALA A 4 3.48 -15.06 3.35
CA ALA A 4 2.57 -14.45 2.34
C ALA A 4 2.35 -12.98 2.73
N PHE A 5 2.02 -12.75 3.97
CA PHE A 5 1.87 -11.35 4.47
C PHE A 5 3.22 -10.63 4.32
N ALA A 6 4.20 -11.07 5.03
CA ALA A 6 5.55 -10.43 4.94
C ALA A 6 5.91 -10.17 3.48
N SER A 7 5.57 -11.09 2.60
CA SER A 7 5.89 -10.86 1.16
C SER A 7 5.17 -9.61 0.68
N MET A 8 3.87 -9.59 0.77
CA MET A 8 3.12 -8.38 0.34
C MET A 8 3.59 -7.19 1.15
N LEU A 9 3.73 -7.38 2.43
CA LEU A 9 4.17 -6.27 3.30
C LEU A 9 5.53 -5.76 2.81
N CYS A 10 6.53 -6.60 2.84
CA CYS A 10 7.87 -6.18 2.34
C CYS A 10 7.73 -5.59 0.94
N LEU A 11 6.99 -6.24 0.09
CA LEU A 11 6.83 -5.73 -1.31
C LEU A 11 6.12 -4.38 -1.28
N LEU A 12 4.98 -4.32 -0.67
CA LEU A 12 4.24 -3.05 -0.58
C LEU A 12 5.05 -2.05 0.23
N ASN A 13 5.94 -2.55 1.04
CA ASN A 13 6.70 -1.66 1.96
C ASN A 13 7.95 -1.17 1.29
N SER A 14 8.82 -2.05 0.93
CA SER A 14 10.12 -1.61 0.40
C SER A 14 9.89 -0.70 -0.79
N THR A 15 8.79 -0.90 -1.43
CA THR A 15 8.43 -0.09 -2.62
C THR A 15 7.96 1.29 -2.20
N VAL A 16 6.76 1.36 -1.70
CA VAL A 16 6.17 2.69 -1.38
C VAL A 16 5.42 2.61 -0.07
N ASN A 17 6.08 2.75 1.04
CA ASN A 17 5.32 2.69 2.31
C ASN A 17 6.04 3.36 3.47
N PRO A 18 7.31 3.11 3.67
CA PRO A 18 8.04 3.68 4.83
C PRO A 18 8.09 5.21 4.75
N ILE A 19 7.07 5.80 4.19
CA ILE A 19 7.09 7.28 4.04
C ILE A 19 5.74 7.86 4.46
N ILE A 20 4.66 7.41 3.87
CA ILE A 20 3.35 8.06 4.13
C ILE A 20 2.24 7.01 4.28
N TYR A 21 1.94 6.26 3.25
CA TYR A 21 0.81 5.28 3.37
C TYR A 21 1.19 4.13 4.30
N ALA A 22 1.96 4.40 5.33
CA ALA A 22 2.43 3.32 6.25
C ALA A 22 1.25 2.41 6.66
N LEU A 23 0.91 1.45 5.83
CA LEU A 23 -0.17 0.50 6.16
C LEU A 23 -1.50 1.23 6.36
N ARG A 24 -1.57 2.05 7.39
CA ARG A 24 -2.83 2.79 7.70
C ARG A 24 -3.52 3.25 6.42
N SER A 25 -2.84 4.00 5.60
CA SER A 25 -3.48 4.54 4.38
C SER A 25 -3.03 3.74 3.15
N LYS A 26 -2.34 2.64 3.35
CA LYS A 26 -1.95 1.82 2.17
C LYS A 26 -3.22 1.49 1.38
N ASP A 27 -4.24 1.07 2.08
CA ASP A 27 -5.55 0.82 1.42
C ASP A 27 -5.92 2.06 0.62
N LEU A 28 -6.07 3.17 1.28
CA LEU A 28 -6.41 4.43 0.58
C LEU A 28 -5.24 4.87 -0.31
N ARG A 29 -4.28 4.01 -0.54
CA ARG A 29 -3.18 4.36 -1.48
C ARG A 29 -3.52 3.78 -2.85
N HIS A 30 -3.62 2.49 -2.93
CA HIS A 30 -3.97 1.85 -4.22
C HIS A 30 -5.47 1.96 -4.42
N ALA A 31 -6.23 1.84 -3.36
CA ALA A 31 -7.69 2.10 -3.48
C ALA A 31 -7.87 3.55 -3.91
N PHE A 32 -6.97 4.40 -3.54
CA PHE A 32 -7.02 5.79 -4.01
C PHE A 32 -6.57 5.82 -5.48
N ARG A 33 -5.32 5.54 -5.72
CA ARG A 33 -4.78 5.53 -7.11
C ARG A 33 -5.75 4.84 -8.06
N SER A 34 -6.26 3.74 -7.62
CA SER A 34 -7.02 2.87 -8.55
C SER A 34 -8.51 3.19 -8.50
N MET A 35 -8.91 4.14 -7.71
CA MET A 35 -10.34 4.53 -7.66
C MET A 35 -10.43 6.05 -7.59
N PHE A 36 -9.86 6.61 -6.56
CA PHE A 36 -9.88 8.08 -6.39
C PHE A 36 -9.33 8.74 -7.66
N PRO A 37 -10.13 9.52 -8.34
CA PRO A 37 -9.69 10.27 -9.54
C PRO A 37 -9.14 11.62 -9.14
N SER A 38 -9.70 12.20 -8.11
CA SER A 38 -9.26 13.56 -7.71
C SER A 38 -9.28 14.44 -8.97
N ALA A 39 -10.28 14.24 -9.80
CA ALA A 39 -10.28 14.90 -11.13
C ALA A 39 -10.87 16.30 -11.04
N GLU A 40 -11.03 16.82 -9.86
CA GLU A 40 -11.58 18.21 -9.72
C GLU A 40 -10.59 19.20 -10.36
#